data_7EFI
# 
_entry.id   7EFI 
# 
_audit_conform.dict_name       mmcif_pdbx.dic 
_audit_conform.dict_version    5.380 
_audit_conform.dict_location   http://mmcif.pdb.org/dictionaries/ascii/mmcif_pdbx.dic 
# 
loop_
_database_2.database_id 
_database_2.database_code 
_database_2.pdbx_database_accession 
_database_2.pdbx_DOI 
PDB   7EFI         pdb_00007efi 10.2210/pdb7efi/pdb 
WWPDB D_1300021346 ?            ?                   
# 
_pdbx_database_status.status_code                     REL 
_pdbx_database_status.status_code_sf                  REL 
_pdbx_database_status.status_code_mr                  ? 
_pdbx_database_status.entry_id                        7EFI 
_pdbx_database_status.recvd_initial_deposition_date   2021-03-21 
_pdbx_database_status.SG_entry                        N 
_pdbx_database_status.deposit_site                    PDBJ 
_pdbx_database_status.process_site                    PDBJ 
_pdbx_database_status.status_code_cs                  ? 
_pdbx_database_status.status_code_nmr_data            ? 
_pdbx_database_status.methods_development_category    ? 
_pdbx_database_status.pdb_format_compatible           Y 
# 
loop_
_audit_author.name 
_audit_author.pdbx_ordinal 
_audit_author.identifier_ORCID 
'Kondo, J.'     1 0000-0002-5682-3685 
'Nagashima, M.' 2 ?                   
# 
_citation.abstract                  ? 
_citation.abstract_id_CAS           ? 
_citation.book_id_ISBN              ? 
_citation.book_publisher            ? 
_citation.book_publisher_city       ? 
_citation.book_title                ? 
_citation.coordinate_linkage        ? 
_citation.country                   ? 
_citation.database_id_Medline       ? 
_citation.details                   ? 
_citation.id                        primary 
_citation.journal_abbrev            'To Be Published' 
_citation.journal_id_ASTM           ? 
_citation.journal_id_CSD            0353 
_citation.journal_id_ISSN           ? 
_citation.journal_full              ? 
_citation.journal_issue             ? 
_citation.journal_volume            ? 
_citation.language                  ? 
_citation.page_first                ? 
_citation.page_last                 ? 
_citation.title                     
;RNA kink-turn motif composed of RNA, DNA and 2'-O-methyl RNA
;
_citation.year                      ? 
_citation.database_id_CSD           ? 
_citation.pdbx_database_id_DOI      ? 
_citation.pdbx_database_id_PubMed   ? 
_citation.pdbx_database_id_patent   ? 
_citation.unpublished_flag          ? 
# 
loop_
_citation_author.citation_id 
_citation_author.name 
_citation_author.ordinal 
_citation_author.identifier_ORCID 
primary 'Kondo, J.'     1 0000-0002-5682-3685 
primary 'Nagashima, M.' 2 ?                   
# 
_cell.angle_alpha                  90.000 
_cell.angle_alpha_esd              ? 
_cell.angle_beta                   90.000 
_cell.angle_beta_esd               ? 
_cell.angle_gamma                  120.000 
_cell.angle_gamma_esd              ? 
_cell.entry_id                     7EFI 
_cell.details                      ? 
_cell.formula_units_Z              ? 
_cell.length_a                     70.565 
_cell.length_a_esd                 ? 
_cell.length_b                     70.565 
_cell.length_b_esd                 ? 
_cell.length_c                     48.165 
_cell.length_c_esd                 ? 
_cell.volume                       ? 
_cell.volume_esd                   ? 
_cell.Z_PDB                        12 
_cell.reciprocal_angle_alpha       ? 
_cell.reciprocal_angle_beta        ? 
_cell.reciprocal_angle_gamma       ? 
_cell.reciprocal_angle_alpha_esd   ? 
_cell.reciprocal_angle_beta_esd    ? 
_cell.reciprocal_angle_gamma_esd   ? 
_cell.reciprocal_length_a          ? 
_cell.reciprocal_length_b          ? 
_cell.reciprocal_length_c          ? 
_cell.reciprocal_length_a_esd      ? 
_cell.reciprocal_length_b_esd      ? 
_cell.reciprocal_length_c_esd      ? 
_cell.pdbx_unique_axis             ? 
# 
_symmetry.entry_id                         7EFI 
_symmetry.cell_setting                     ? 
_symmetry.Int_Tables_number                182 
_symmetry.space_group_name_Hall            ? 
_symmetry.space_group_name_H-M             'P 63 2 2' 
_symmetry.pdbx_full_space_group_name_H-M   ? 
# 
_entity.id                         1 
_entity.type                       polymer 
_entity.src_method                 syn 
_entity.pdbx_description           
;DNA/RNA (5'-R(*GP*GP*CP*GP*AP*AP*GP*AP*AP*CP*CP*(OMG)P*(OMG)P*(OMG))-D(P*GP*A)-R(P*GP*(OMC)P*(OMC))-3')
;
_entity.formula_weight             6271.965 
_entity.pdbx_number_of_molecules   1 
_entity.pdbx_ec                    ? 
_entity.pdbx_mutation              ? 
_entity.pdbx_fragment              ? 
_entity.details                    ? 
# 
_entity_poly.entity_id                      1 
_entity_poly.type                           'polydeoxyribonucleotide/polyribonucleotide hybrid' 
_entity_poly.nstd_linkage                   no 
_entity_poly.nstd_monomer                   yes 
_entity_poly.pdbx_seq_one_letter_code       'GGCGAAGAACC(OMG)(OMG)(OMG)(DG)(DA)G(OMC)(OMC)' 
_entity_poly.pdbx_seq_one_letter_code_can   GGCGAAGAACCGGGGAGCC 
_entity_poly.pdbx_strand_id                 A 
_entity_poly.pdbx_target_identifier         ? 
# 
loop_
_entity_poly_seq.entity_id 
_entity_poly_seq.num 
_entity_poly_seq.mon_id 
_entity_poly_seq.hetero 
1 1  G   n 
1 2  G   n 
1 3  C   n 
1 4  G   n 
1 5  A   n 
1 6  A   n 
1 7  G   n 
1 8  A   n 
1 9  A   n 
1 10 C   n 
1 11 C   n 
1 12 OMG n 
1 13 OMG n 
1 14 OMG n 
1 15 DG  n 
1 16 DA  n 
1 17 G   n 
1 18 OMC n 
1 19 OMC n 
# 
_pdbx_entity_src_syn.entity_id              1 
_pdbx_entity_src_syn.pdbx_src_id            1 
_pdbx_entity_src_syn.pdbx_alt_source_flag   sample 
_pdbx_entity_src_syn.pdbx_beg_seq_num       1 
_pdbx_entity_src_syn.pdbx_end_seq_num       19 
_pdbx_entity_src_syn.organism_scientific    'synthetic construct' 
_pdbx_entity_src_syn.organism_common_name   ? 
_pdbx_entity_src_syn.ncbi_taxonomy_id       32630 
_pdbx_entity_src_syn.details                ? 
# 
_struct_ref.id                         1 
_struct_ref.db_name                    PDB 
_struct_ref.db_code                    7EFI 
_struct_ref.pdbx_db_accession          7EFI 
_struct_ref.pdbx_db_isoform            ? 
_struct_ref.entity_id                  1 
_struct_ref.pdbx_seq_one_letter_code   ? 
_struct_ref.pdbx_align_begin           1 
# 
_struct_ref_seq.align_id                      1 
_struct_ref_seq.ref_id                        1 
_struct_ref_seq.pdbx_PDB_id_code              7EFI 
_struct_ref_seq.pdbx_strand_id                A 
_struct_ref_seq.seq_align_beg                 1 
_struct_ref_seq.pdbx_seq_align_beg_ins_code   ? 
_struct_ref_seq.seq_align_end                 19 
_struct_ref_seq.pdbx_seq_align_end_ins_code   ? 
_struct_ref_seq.pdbx_db_accession             7EFI 
_struct_ref_seq.db_align_beg                  1 
_struct_ref_seq.pdbx_db_align_beg_ins_code    ? 
_struct_ref_seq.db_align_end                  19 
_struct_ref_seq.pdbx_db_align_end_ins_code    ? 
_struct_ref_seq.pdbx_auth_seq_align_beg       1 
_struct_ref_seq.pdbx_auth_seq_align_end       19 
# 
loop_
_chem_comp.id 
_chem_comp.type 
_chem_comp.mon_nstd_flag 
_chem_comp.name 
_chem_comp.pdbx_synonyms 
_chem_comp.formula 
_chem_comp.formula_weight 
A   'RNA linking' y "ADENOSINE-5'-MONOPHOSPHATE"           ? 'C10 H14 N5 O7 P' 347.221 
C   'RNA linking' y "CYTIDINE-5'-MONOPHOSPHATE"            ? 'C9 H14 N3 O8 P'  323.197 
DA  'DNA linking' y "2'-DEOXYADENOSINE-5'-MONOPHOSPHATE"   ? 'C10 H14 N5 O6 P' 331.222 
DG  'DNA linking' y "2'-DEOXYGUANOSINE-5'-MONOPHOSPHATE"   ? 'C10 H14 N5 O7 P' 347.221 
G   'RNA linking' y "GUANOSINE-5'-MONOPHOSPHATE"           ? 'C10 H14 N5 O8 P' 363.221 
OMC 'RNA linking' n "O2'-METHYLYCYTIDINE-5'-MONOPHOSPHATE" ? 'C10 H16 N3 O8 P' 337.223 
OMG 'RNA linking' n "O2'-METHYLGUANOSINE-5'-MONOPHOSPHATE" ? 'C11 H16 N5 O8 P' 377.247 
# 
_exptl.absorpt_coefficient_mu     ? 
_exptl.absorpt_correction_T_max   ? 
_exptl.absorpt_correction_T_min   ? 
_exptl.absorpt_correction_type    ? 
_exptl.absorpt_process_details    ? 
_exptl.entry_id                   7EFI 
_exptl.crystals_number            1 
_exptl.details                    ? 
_exptl.method                     'X-RAY DIFFRACTION' 
_exptl.method_details             ? 
# 
_exptl_crystal.colour                      ? 
_exptl_crystal.density_diffrn              ? 
_exptl_crystal.density_Matthews            2.75 
_exptl_crystal.density_method              ? 
_exptl_crystal.density_percent_sol         55.20 
_exptl_crystal.description                 ? 
_exptl_crystal.F_000                       ? 
_exptl_crystal.id                          1 
_exptl_crystal.preparation                 ? 
_exptl_crystal.size_max                    ? 
_exptl_crystal.size_mid                    ? 
_exptl_crystal.size_min                    ? 
_exptl_crystal.size_rad                    ? 
_exptl_crystal.colour_lustre               ? 
_exptl_crystal.colour_modifier             ? 
_exptl_crystal.colour_primary              ? 
_exptl_crystal.density_meas                ? 
_exptl_crystal.density_meas_esd            ? 
_exptl_crystal.density_meas_gt             ? 
_exptl_crystal.density_meas_lt             ? 
_exptl_crystal.density_meas_temp           ? 
_exptl_crystal.density_meas_temp_esd       ? 
_exptl_crystal.density_meas_temp_gt        ? 
_exptl_crystal.density_meas_temp_lt        ? 
_exptl_crystal.pdbx_crystal_image_url      ? 
_exptl_crystal.pdbx_crystal_image_format   ? 
_exptl_crystal.pdbx_mosaicity              ? 
_exptl_crystal.pdbx_mosaicity_esd          ? 
# 
_exptl_crystal_grow.apparatus       ? 
_exptl_crystal_grow.atmosphere      ? 
_exptl_crystal_grow.crystal_id      1 
_exptl_crystal_grow.details         ? 
_exptl_crystal_grow.method          'VAPOR DIFFUSION, HANGING DROP' 
_exptl_crystal_grow.method_ref      ? 
_exptl_crystal_grow.pH              ? 
_exptl_crystal_grow.pressure        ? 
_exptl_crystal_grow.pressure_esd    ? 
_exptl_crystal_grow.seeding         ? 
_exptl_crystal_grow.seeding_ref     ? 
_exptl_crystal_grow.temp            293 
_exptl_crystal_grow.temp_details    ? 
_exptl_crystal_grow.temp_esd        ? 
_exptl_crystal_grow.time            ? 
_exptl_crystal_grow.pdbx_details    'sodium cacodylate, MPD, spermine tetrahydrochloride, potassium chloride' 
_exptl_crystal_grow.pdbx_pH_range   ? 
# 
_diffrn.ambient_environment              ? 
_diffrn.ambient_temp                     100 
_diffrn.ambient_temp_details             ? 
_diffrn.ambient_temp_esd                 ? 
_diffrn.crystal_id                       1 
_diffrn.crystal_support                  ? 
_diffrn.crystal_treatment                ? 
_diffrn.details                          ? 
_diffrn.id                               1 
_diffrn.ambient_pressure                 ? 
_diffrn.ambient_pressure_esd             ? 
_diffrn.ambient_pressure_gt              ? 
_diffrn.ambient_pressure_lt              ? 
_diffrn.ambient_temp_gt                  ? 
_diffrn.ambient_temp_lt                  ? 
_diffrn.pdbx_serial_crystal_experiment   N 
# 
_diffrn_detector.details                      ? 
_diffrn_detector.detector                     PIXEL 
_diffrn_detector.diffrn_id                    1 
_diffrn_detector.type                         'DECTRIS EIGER X 16M' 
_diffrn_detector.area_resol_mean              ? 
_diffrn_detector.dtime                        ? 
_diffrn_detector.pdbx_frames_total            ? 
_diffrn_detector.pdbx_collection_time_total   ? 
_diffrn_detector.pdbx_collection_date         2019-06-04 
_diffrn_detector.pdbx_frequency               ? 
# 
_diffrn_radiation.collimation                      ? 
_diffrn_radiation.diffrn_id                        1 
_diffrn_radiation.filter_edge                      ? 
_diffrn_radiation.inhomogeneity                    ? 
_diffrn_radiation.monochromator                    ? 
_diffrn_radiation.polarisn_norm                    ? 
_diffrn_radiation.polarisn_ratio                   ? 
_diffrn_radiation.probe                            ? 
_diffrn_radiation.type                             ? 
_diffrn_radiation.xray_symbol                      ? 
_diffrn_radiation.wavelength_id                    1 
_diffrn_radiation.pdbx_monochromatic_or_laue_m_l   M 
_diffrn_radiation.pdbx_wavelength_list             ? 
_diffrn_radiation.pdbx_wavelength                  ? 
_diffrn_radiation.pdbx_diffrn_protocol             'SINGLE WAVELENGTH' 
_diffrn_radiation.pdbx_analyzer                    ? 
_diffrn_radiation.pdbx_scattering_type             x-ray 
# 
_diffrn_radiation_wavelength.id           1 
_diffrn_radiation_wavelength.wavelength   0.98 
_diffrn_radiation_wavelength.wt           1.0 
# 
_diffrn_source.current                     ? 
_diffrn_source.details                     ? 
_diffrn_source.diffrn_id                   1 
_diffrn_source.power                       ? 
_diffrn_source.size                        ? 
_diffrn_source.source                      SYNCHROTRON 
_diffrn_source.target                      ? 
_diffrn_source.type                        'PHOTON FACTORY BEAMLINE BL-17A' 
_diffrn_source.voltage                     ? 
_diffrn_source.take-off_angle              ? 
_diffrn_source.pdbx_wavelength_list        0.98 
_diffrn_source.pdbx_wavelength             ? 
_diffrn_source.pdbx_synchrotron_beamline   BL-17A 
_diffrn_source.pdbx_synchrotron_site       'Photon Factory' 
# 
_reflns.B_iso_Wilson_estimate            60.417 
_reflns.entry_id                         7EFI 
_reflns.data_reduction_details           ? 
_reflns.data_reduction_method            ? 
_reflns.d_resolution_high                2.900 
_reflns.d_resolution_low                 37.830 
_reflns.details                          ? 
_reflns.limit_h_max                      ? 
_reflns.limit_h_min                      ? 
_reflns.limit_k_max                      ? 
_reflns.limit_k_min                      ? 
_reflns.limit_l_max                      ? 
_reflns.limit_l_min                      ? 
_reflns.number_all                       ? 
_reflns.number_obs                       1761 
_reflns.observed_criterion               ? 
_reflns.observed_criterion_F_max         ? 
_reflns.observed_criterion_F_min         ? 
_reflns.observed_criterion_I_max         ? 
_reflns.observed_criterion_I_min         ? 
_reflns.observed_criterion_sigma_F       ? 
_reflns.observed_criterion_sigma_I       ? 
_reflns.percent_possible_obs             98.500 
_reflns.R_free_details                   ? 
_reflns.Rmerge_F_all                     ? 
_reflns.Rmerge_F_obs                     ? 
_reflns.Friedel_coverage                 ? 
_reflns.number_gt                        ? 
_reflns.threshold_expression             ? 
_reflns.pdbx_redundancy                  4.528 
_reflns.pdbx_Rmerge_I_obs                0.057 
_reflns.pdbx_Rmerge_I_all                ? 
_reflns.pdbx_Rsym_value                  ? 
_reflns.pdbx_netI_over_av_sigmaI         ? 
_reflns.pdbx_netI_over_sigmaI            16.910 
_reflns.pdbx_res_netI_over_av_sigmaI_2   ? 
_reflns.pdbx_res_netI_over_sigmaI_2      ? 
_reflns.pdbx_chi_squared                 0.970 
_reflns.pdbx_scaling_rejects             ? 
_reflns.pdbx_d_res_high_opt              ? 
_reflns.pdbx_d_res_low_opt               ? 
_reflns.pdbx_d_res_opt_method            ? 
_reflns.phase_calculation_details        ? 
_reflns.pdbx_Rrim_I_all                  0.065 
_reflns.pdbx_Rpim_I_all                  ? 
_reflns.pdbx_d_opt                       ? 
_reflns.pdbx_number_measured_all         7974 
_reflns.pdbx_diffrn_id                   1 
_reflns.pdbx_ordinal                     1 
_reflns.pdbx_CC_half                     0.999 
_reflns.pdbx_CC_star                     ? 
_reflns.pdbx_R_split                     ? 
# 
loop_
_reflns_shell.d_res_high 
_reflns_shell.d_res_low 
_reflns_shell.meanI_over_sigI_all 
_reflns_shell.meanI_over_sigI_obs 
_reflns_shell.number_measured_all 
_reflns_shell.number_measured_obs 
_reflns_shell.number_possible 
_reflns_shell.number_unique_all 
_reflns_shell.number_unique_obs 
_reflns_shell.percent_possible_all 
_reflns_shell.percent_possible_obs 
_reflns_shell.Rmerge_F_all 
_reflns_shell.Rmerge_F_obs 
_reflns_shell.Rmerge_I_all 
_reflns_shell.Rmerge_I_obs 
_reflns_shell.meanI_over_sigI_gt 
_reflns_shell.meanI_over_uI_all 
_reflns_shell.meanI_over_uI_gt 
_reflns_shell.number_measured_gt 
_reflns_shell.number_unique_gt 
_reflns_shell.percent_possible_gt 
_reflns_shell.Rmerge_F_gt 
_reflns_shell.Rmerge_I_gt 
_reflns_shell.pdbx_redundancy 
_reflns_shell.pdbx_Rsym_value 
_reflns_shell.pdbx_chi_squared 
_reflns_shell.pdbx_netI_over_sigmaI_all 
_reflns_shell.pdbx_netI_over_sigmaI_obs 
_reflns_shell.pdbx_Rrim_I_all 
_reflns_shell.pdbx_Rpim_I_all 
_reflns_shell.pdbx_rejects 
_reflns_shell.pdbx_ordinal 
_reflns_shell.pdbx_diffrn_id 
_reflns_shell.pdbx_CC_half 
_reflns_shell.pdbx_CC_star 
_reflns_shell.pdbx_R_split 
2.900  2.980  ? 3.980  ? 632 143 ? 142 99.300  ? ? ? ? 0.366 ? ? ? ? ? ? ? ? 4.451 ? ? ? ? 0.415 ? ? 1  1 0.956 ? ? 
2.980  3.070  ? 5.750  ? 565 135 ? 133 98.500  ? ? ? ? 0.218 ? ? ? ? ? ? ? ? 4.248 ? ? ? ? 0.248 ? ? 2  1 0.987 ? ? 
3.070  3.170  ? 7.120  ? 584 134 ? 130 97.000  ? ? ? ? 0.157 ? ? ? ? ? ? ? ? 4.492 ? ? ? ? 0.178 ? ? 3  1 0.992 ? ? 
3.170  3.280  ? 10.660 ? 598 126 ? 123 97.600  ? ? ? ? 0.131 ? ? ? ? ? ? ? ? 4.862 ? ? ? ? 0.146 ? ? 4  1 0.990 ? ? 
3.280  3.410  ? 11.990 ? 625 126 ? 126 100.000 ? ? ? ? 0.098 ? ? ? ? ? ? ? ? 4.960 ? ? ? ? 0.109 ? ? 5  1 0.997 ? ? 
3.410  3.550  ? 14.850 ? 585 120 ? 119 99.200  ? ? ? ? 0.073 ? ? ? ? ? ? ? ? 4.916 ? ? ? ? 0.081 ? ? 6  1 0.998 ? ? 
3.550  3.710  ? 15.170 ? 570 118 ? 118 100.000 ? ? ? ? 0.076 ? ? ? ? ? ? ? ? 4.831 ? ? ? ? 0.085 ? ? 7  1 0.998 ? ? 
3.710  3.890  ? 19.150 ? 517 106 ? 106 100.000 ? ? ? ? 0.056 ? ? ? ? ? ? ? ? 4.877 ? ? ? ? 0.063 ? ? 8  1 0.998 ? ? 
3.890  4.100  ? 20.000 ? 508 109 ? 108 99.100  ? ? ? ? 0.048 ? ? ? ? ? ? ? ? 4.704 ? ? ? ? 0.055 ? ? 9  1 0.998 ? ? 
4.100  4.350  ? 21.930 ? 446 96  ? 95  99.000  ? ? ? ? 0.053 ? ? ? ? ? ? ? ? 4.695 ? ? ? ? 0.061 ? ? 10 1 0.998 ? ? 
4.350  4.650  ? 25.390 ? 447 96  ? 96  100.000 ? ? ? ? 0.049 ? ? ? ? ? ? ? ? 4.656 ? ? ? ? 0.055 ? ? 11 1 0.997 ? ? 
4.650  5.020  ? 23.030 ? 422 95  ? 94  98.900  ? ? ? ? 0.048 ? ? ? ? ? ? ? ? 4.489 ? ? ? ? 0.055 ? ? 12 1 0.997 ? ? 
5.020  5.500  ? 25.140 ? 332 82  ? 82  100.000 ? ? ? ? 0.039 ? ? ? ? ? ? ? ? 4.049 ? ? ? ? 0.044 ? ? 13 1 0.999 ? ? 
5.500  6.150  ? 24.650 ? 284 79  ? 77  97.500  ? ? ? ? 0.045 ? ? ? ? ? ? ? ? 3.688 ? ? ? ? 0.053 ? ? 14 1 0.997 ? ? 
6.150  7.100  ? 28.460 ? 310 73  ? 73  100.000 ? ? ? ? 0.043 ? ? ? ? ? ? ? ? 4.247 ? ? ? ? 0.049 ? ? 15 1 0.997 ? ? 
7.100  8.690  ? 29.760 ? 265 62  ? 61  98.400  ? ? ? ? 0.036 ? ? ? ? ? ? ? ? 4.344 ? ? ? ? 0.041 ? ? 16 1 0.999 ? ? 
8.690  12.290 ? 32.690 ? 195 53  ? 50  94.300  ? ? ? ? 0.044 ? ? ? ? ? ? ? ? 3.900 ? ? ? ? 0.051 ? ? 17 1 0.997 ? ? 
12.290 37.830 ? 28.040 ? 89  34  ? 28  82.400  ? ? ? ? 0.030 ? ? ? ? ? ? ? ? 3.179 ? ? ? ? 0.035 ? ? 18 1 1.000 ? ? 
# 
_refine.aniso_B[1][1]                            ? 
_refine.aniso_B[1][2]                            ? 
_refine.aniso_B[1][3]                            ? 
_refine.aniso_B[2][2]                            ? 
_refine.aniso_B[2][3]                            ? 
_refine.aniso_B[3][3]                            ? 
_refine.B_iso_max                                87.350 
_refine.B_iso_mean                               56.7454 
_refine.B_iso_min                                38.770 
_refine.correlation_coeff_Fo_to_Fc               ? 
_refine.correlation_coeff_Fo_to_Fc_free          ? 
_refine.details                                  ? 
_refine.diff_density_max                         ? 
_refine.diff_density_max_esd                     ? 
_refine.diff_density_min                         ? 
_refine.diff_density_min_esd                     ? 
_refine.diff_density_rms                         ? 
_refine.diff_density_rms_esd                     ? 
_refine.entry_id                                 7EFI 
_refine.pdbx_refine_id                           'X-RAY DIFFRACTION' 
_refine.ls_abs_structure_details                 ? 
_refine.ls_abs_structure_Flack                   ? 
_refine.ls_abs_structure_Flack_esd               ? 
_refine.ls_abs_structure_Rogers                  ? 
_refine.ls_abs_structure_Rogers_esd              ? 
_refine.ls_d_res_high                            2.9000 
_refine.ls_d_res_low                             37.8300 
_refine.ls_extinction_coef                       ? 
_refine.ls_extinction_coef_esd                   ? 
_refine.ls_extinction_expression                 ? 
_refine.ls_extinction_method                     ? 
_refine.ls_goodness_of_fit_all                   ? 
_refine.ls_goodness_of_fit_all_esd               ? 
_refine.ls_goodness_of_fit_obs                   ? 
_refine.ls_goodness_of_fit_obs_esd               ? 
_refine.ls_hydrogen_treatment                    ? 
_refine.ls_matrix_type                           ? 
_refine.ls_number_constraints                    ? 
_refine.ls_number_parameters                     ? 
_refine.ls_number_reflns_all                     ? 
_refine.ls_number_reflns_obs                     1753 
_refine.ls_number_reflns_R_free                  177 
_refine.ls_number_reflns_R_work                  1576 
_refine.ls_number_restraints                     ? 
_refine.ls_percent_reflns_obs                    98.1000 
_refine.ls_percent_reflns_R_free                 10.1000 
_refine.ls_R_factor_all                          ? 
_refine.ls_R_factor_obs                          0.1968 
_refine.ls_R_factor_R_free                       0.2340 
_refine.ls_R_factor_R_free_error                 ? 
_refine.ls_R_factor_R_free_error_details         ? 
_refine.ls_R_factor_R_work                       0.1924 
_refine.ls_R_Fsqd_factor_obs                     ? 
_refine.ls_R_I_factor_obs                        ? 
_refine.ls_redundancy_reflns_all                 ? 
_refine.ls_redundancy_reflns_obs                 ? 
_refine.ls_restrained_S_all                      ? 
_refine.ls_restrained_S_obs                      ? 
_refine.ls_shift_over_esd_max                    ? 
_refine.ls_shift_over_esd_mean                   ? 
_refine.ls_structure_factor_coef                 ? 
_refine.ls_weighting_details                     ? 
_refine.ls_weighting_scheme                      ? 
_refine.ls_wR_factor_all                         ? 
_refine.ls_wR_factor_obs                         ? 
_refine.ls_wR_factor_R_free                      ? 
_refine.ls_wR_factor_R_work                      ? 
_refine.occupancy_max                            ? 
_refine.occupancy_min                            ? 
_refine.solvent_model_details                    'FLAT BULK SOLVENT MODEL' 
_refine.solvent_model_param_bsol                 ? 
_refine.solvent_model_param_ksol                 ? 
_refine.pdbx_R_complete                          ? 
_refine.ls_R_factor_gt                           ? 
_refine.ls_goodness_of_fit_gt                    ? 
_refine.ls_goodness_of_fit_ref                   ? 
_refine.ls_shift_over_su_max                     ? 
_refine.ls_shift_over_su_max_lt                  ? 
_refine.ls_shift_over_su_mean                    ? 
_refine.ls_shift_over_su_mean_lt                 ? 
_refine.pdbx_ls_sigma_I                          ? 
_refine.pdbx_ls_sigma_F                          1.380 
_refine.pdbx_ls_sigma_Fsqd                       ? 
_refine.pdbx_data_cutoff_high_absF               ? 
_refine.pdbx_data_cutoff_high_rms_absF           ? 
_refine.pdbx_data_cutoff_low_absF                ? 
_refine.pdbx_isotropic_thermal_model             ? 
_refine.pdbx_ls_cross_valid_method               THROUGHOUT 
_refine.pdbx_method_to_determine_struct          'MOLECULAR REPLACEMENT' 
_refine.pdbx_starting_model                      4CS1 
_refine.pdbx_stereochemistry_target_values       ML 
_refine.pdbx_R_Free_selection_details            ? 
_refine.pdbx_stereochem_target_val_spec_case     ? 
_refine.pdbx_overall_ESU_R                       ? 
_refine.pdbx_overall_ESU_R_Free                  ? 
_refine.pdbx_solvent_vdw_probe_radii             1.1100 
_refine.pdbx_solvent_ion_probe_radii             ? 
_refine.pdbx_solvent_shrinkage_radii             0.9000 
_refine.pdbx_real_space_R                        ? 
_refine.pdbx_density_correlation                 ? 
_refine.pdbx_pd_number_of_powder_patterns        ? 
_refine.pdbx_pd_number_of_points                 ? 
_refine.pdbx_pd_meas_number_of_points            ? 
_refine.pdbx_pd_proc_ls_prof_R_factor            ? 
_refine.pdbx_pd_proc_ls_prof_wR_factor           ? 
_refine.pdbx_pd_Marquardt_correlation_coeff      ? 
_refine.pdbx_pd_Fsqrd_R_factor                   ? 
_refine.pdbx_pd_ls_matrix_band_width             ? 
_refine.pdbx_overall_phase_error                 18.4000 
_refine.pdbx_overall_SU_R_free_Cruickshank_DPI   ? 
_refine.pdbx_overall_SU_R_free_Blow_DPI          ? 
_refine.pdbx_overall_SU_R_Blow_DPI               ? 
_refine.pdbx_TLS_residual_ADP_flag               ? 
_refine.pdbx_diffrn_id                           1 
_refine.overall_SU_B                             ? 
_refine.overall_SU_ML                            0.3500 
_refine.overall_SU_R_Cruickshank_DPI             ? 
_refine.overall_SU_R_free                        ? 
_refine.overall_FOM_free_R_set                   ? 
_refine.overall_FOM_work_R_set                   ? 
_refine.pdbx_average_fsc_overall                 ? 
_refine.pdbx_average_fsc_work                    ? 
_refine.pdbx_average_fsc_free                    ? 
# 
_refine_hist.pdbx_refine_id                   'X-RAY DIFFRACTION' 
_refine_hist.cycle_id                         final 
_refine_hist.details                          ? 
_refine_hist.d_res_high                       2.9000 
_refine_hist.d_res_low                        37.8300 
_refine_hist.number_atoms_solvent             0 
_refine_hist.number_atoms_total               417 
_refine_hist.number_reflns_all                ? 
_refine_hist.number_reflns_obs                ? 
_refine_hist.number_reflns_R_free             ? 
_refine_hist.number_reflns_R_work             ? 
_refine_hist.R_factor_all                     ? 
_refine_hist.R_factor_obs                     ? 
_refine_hist.R_factor_R_free                  ? 
_refine_hist.R_factor_R_work                  ? 
_refine_hist.pdbx_number_residues_total       17 
_refine_hist.pdbx_B_iso_mean_ligand           53.73 
_refine_hist.pdbx_B_iso_mean_solvent          ? 
_refine_hist.pdbx_number_atoms_protein        0 
_refine_hist.pdbx_number_atoms_nucleic_acid   375 
_refine_hist.pdbx_number_atoms_ligand         42 
_refine_hist.pdbx_number_atoms_lipid          ? 
_refine_hist.pdbx_number_atoms_carb           ? 
_refine_hist.pdbx_pseudo_atom_details         ? 
# 
_struct.entry_id                     7EFI 
_struct.title                        
;RNA kink-turn motif composed of RNA, DNA and 2'-O-methyl RNA
;
_struct.pdbx_model_details           ? 
_struct.pdbx_formula_weight          ? 
_struct.pdbx_formula_weight_method   ? 
_struct.pdbx_model_type_details      ? 
_struct.pdbx_CASP_flag               N 
# 
_struct_keywords.entry_id        7EFI 
_struct_keywords.text            'Kink-turn motif, RNA, DNA-RNA HYBRID' 
_struct_keywords.pdbx_keywords   'DNA-RNA HYBRID' 
# 
_struct_asym.id                            A 
_struct_asym.pdbx_blank_PDB_chainid_flag   N 
_struct_asym.pdbx_modified                 N 
_struct_asym.entity_id                     1 
_struct_asym.details                       ? 
# 
loop_
_struct_conn.id 
_struct_conn.conn_type_id 
_struct_conn.pdbx_leaving_atom_flag 
_struct_conn.pdbx_PDB_id 
_struct_conn.ptnr1_label_asym_id 
_struct_conn.ptnr1_label_comp_id 
_struct_conn.ptnr1_label_seq_id 
_struct_conn.ptnr1_label_atom_id 
_struct_conn.pdbx_ptnr1_label_alt_id 
_struct_conn.pdbx_ptnr1_PDB_ins_code 
_struct_conn.pdbx_ptnr1_standard_comp_id 
_struct_conn.ptnr1_symmetry 
_struct_conn.ptnr2_label_asym_id 
_struct_conn.ptnr2_label_comp_id 
_struct_conn.ptnr2_label_seq_id 
_struct_conn.ptnr2_label_atom_id 
_struct_conn.pdbx_ptnr2_label_alt_id 
_struct_conn.pdbx_ptnr2_PDB_ins_code 
_struct_conn.ptnr1_auth_asym_id 
_struct_conn.ptnr1_auth_comp_id 
_struct_conn.ptnr1_auth_seq_id 
_struct_conn.ptnr2_auth_asym_id 
_struct_conn.ptnr2_auth_comp_id 
_struct_conn.ptnr2_auth_seq_id 
_struct_conn.ptnr2_symmetry 
_struct_conn.pdbx_ptnr3_label_atom_id 
_struct_conn.pdbx_ptnr3_label_seq_id 
_struct_conn.pdbx_ptnr3_label_comp_id 
_struct_conn.pdbx_ptnr3_label_asym_id 
_struct_conn.pdbx_ptnr3_label_alt_id 
_struct_conn.pdbx_ptnr3_PDB_ins_code 
_struct_conn.details 
_struct_conn.pdbx_dist_value 
_struct_conn.pdbx_value_order 
_struct_conn.pdbx_role 
covale1  covale none ? A G   2  O6    ? ? ? 1_555 A OMC 18 N4 ? ? A G   2  A OMC 18 9_769 ? ? ? ? ? ? ?                       
1.312 ? ? 
covale2  covale both ? A C   11 "O3'" ? ? ? 1_555 A OMG 12 P  ? ? A C   11 A OMG 12 1_555 ? ? ? ? ? ? ?                       
1.608 ? ? 
covale3  covale both ? A OMG 12 "O3'" ? ? ? 1_555 A OMG 13 P  ? ? A OMG 12 A OMG 13 1_555 ? ? ? ? ? ? ?                       
1.613 ? ? 
covale4  covale both ? A OMG 13 "O3'" ? ? ? 1_555 A OMG 14 P  ? ? A OMG 13 A OMG 14 1_555 ? ? ? ? ? ? ?                       
1.595 ? ? 
covale5  covale both ? A OMG 14 "O3'" ? ? ? 1_555 A DG  15 P  ? ? A OMG 14 A DG  15 1_555 ? ? ? ? ? ? ?                       
1.603 ? ? 
covale6  covale both ? A G   17 "O3'" ? ? ? 1_555 A OMC 18 P  ? ? A G   17 A OMC 18 1_555 ? ? ? ? ? ? ?                       
1.600 ? ? 
covale7  covale both ? A OMC 18 "O3'" ? ? ? 1_555 A OMC 19 P  ? ? A OMC 18 A OMC 19 1_555 ? ? ? ? ? ? ?                       
1.610 ? ? 
hydrog1  hydrog ?    ? A G   1  N1    ? ? ? 1_555 A OMC 19 N3 ? ? A G   1  A OMC 19 9_769 ? ? ? ? ? ? WATSON-CRICK            ? ? 
? 
hydrog2  hydrog ?    ? A G   1  N2    ? ? ? 1_555 A OMC 19 O2 ? ? A G   1  A OMC 19 9_769 ? ? ? ? ? ? WATSON-CRICK            ? ? 
? 
hydrog3  hydrog ?    ? A G   1  O6    ? ? ? 1_555 A OMC 19 N4 ? ? A G   1  A OMC 19 9_769 ? ? ? ? ? ? WATSON-CRICK            ? ? 
? 
hydrog4  hydrog ?    ? A G   2  N1    ? ? ? 1_555 A OMC 18 O2 ? ? A G   2  A OMC 18 9_769 ? ? ? ? ? ? 'REVERSED WATSON-CRICK' ? ? 
? 
hydrog5  hydrog ?    ? A G   2  N2    ? ? ? 1_555 A OMC 18 N3 ? ? A G   2  A OMC 18 9_769 ? ? ? ? ? ? 'REVERSED WATSON-CRICK' ? ? 
? 
hydrog6  hydrog ?    ? A C   3  N3    ? ? ? 1_555 A G   17 N1 ? ? A C   3  A G   17 9_769 ? ? ? ? ? ? WATSON-CRICK            ? ? 
? 
hydrog7  hydrog ?    ? A C   3  N4    ? ? ? 1_555 A G   17 O6 ? ? A C   3  A G   17 9_769 ? ? ? ? ? ? WATSON-CRICK            ? ? 
? 
hydrog8  hydrog ?    ? A C   3  O2    ? ? ? 1_555 A G   17 N2 ? ? A C   3  A G   17 9_769 ? ? ? ? ? ? WATSON-CRICK            ? ? 
? 
hydrog9  hydrog ?    ? A G   4  N2    ? ? ? 1_555 A DA  16 N3 ? ? A G   4  A DA  16 9_769 ? ? ? ? ? ? 'G-DA MISPAIR'          ? ? 
? 
hydrog10 hydrog ?    ? A G   7  N2    ? ? ? 1_555 A DA  16 N7 ? ? A G   7  A DA  16 9_769 ? ? ? ? ? ? TYPE_11_PAIR            ? ? 
? 
hydrog11 hydrog ?    ? A G   7  N3    ? ? ? 1_555 A DA  16 N6 ? ? A G   7  A DA  16 9_769 ? ? ? ? ? ? TYPE_11_PAIR            ? ? 
? 
hydrog12 hydrog ?    ? A A   8  N6    ? ? ? 1_555 A DG  15 N3 ? ? A A   8  A DG  15 9_769 ? ? ? ? ? ? TYPE_11_PAIR            ? ? 
? 
hydrog13 hydrog ?    ? A A   8  N7    ? ? ? 1_555 A DG  15 N2 ? ? A A   8  A DG  15 9_769 ? ? ? ? ? ? TYPE_11_PAIR            ? ? 
? 
hydrog14 hydrog ?    ? A A   9  N7    ? ? ? 1_555 A OMG 14 N2 ? ? A A   9  A OMG 14 9_769 ? ? ? ? ? ? 'A-OMG MISPAIR'         ? ? 
? 
hydrog15 hydrog ?    ? A C   10 N3    ? ? ? 1_555 A OMG 13 N1 ? ? A C   10 A OMG 13 9_769 ? ? ? ? ? ? WATSON-CRICK            ? ? 
? 
hydrog16 hydrog ?    ? A C   10 N4    ? ? ? 1_555 A OMG 13 O6 ? ? A C   10 A OMG 13 9_769 ? ? ? ? ? ? WATSON-CRICK            ? ? 
? 
hydrog17 hydrog ?    ? A C   10 O2    ? ? ? 1_555 A OMG 13 N2 ? ? A C   10 A OMG 13 9_769 ? ? ? ? ? ? WATSON-CRICK            ? ? 
? 
hydrog18 hydrog ?    ? A C   11 N3    ? ? ? 1_555 A OMG 12 N1 ? ? A C   11 A OMG 12 9_769 ? ? ? ? ? ? WATSON-CRICK            ? ? 
? 
hydrog19 hydrog ?    ? A C   11 N4    ? ? ? 1_555 A OMG 12 O6 ? ? A C   11 A OMG 12 9_769 ? ? ? ? ? ? WATSON-CRICK            ? ? 
? 
hydrog20 hydrog ?    ? A C   11 O2    ? ? ? 1_555 A OMG 12 N2 ? ? A C   11 A OMG 12 9_769 ? ? ? ? ? ? WATSON-CRICK            ? ? 
? 
hydrog21 hydrog ?    ? A OMG 12 N1    ? ? ? 1_555 A C   11 N3 ? ? A OMG 12 A C   11 9_769 ? ? ? ? ? ? WATSON-CRICK            ? ? 
? 
hydrog22 hydrog ?    ? A OMG 12 N2    ? ? ? 1_555 A C   11 O2 ? ? A OMG 12 A C   11 9_769 ? ? ? ? ? ? WATSON-CRICK            ? ? 
? 
hydrog23 hydrog ?    ? A OMG 12 O6    ? ? ? 1_555 A C   11 N4 ? ? A OMG 12 A C   11 9_769 ? ? ? ? ? ? WATSON-CRICK            ? ? 
? 
hydrog24 hydrog ?    ? A OMG 13 N1    ? ? ? 1_555 A C   10 N3 ? ? A OMG 13 A C   10 9_769 ? ? ? ? ? ? WATSON-CRICK            ? ? 
? 
hydrog25 hydrog ?    ? A OMG 13 N2    ? ? ? 1_555 A C   10 O2 ? ? A OMG 13 A C   10 9_769 ? ? ? ? ? ? WATSON-CRICK            ? ? 
? 
hydrog26 hydrog ?    ? A OMG 13 O6    ? ? ? 1_555 A C   10 N4 ? ? A OMG 13 A C   10 9_769 ? ? ? ? ? ? WATSON-CRICK            ? ? 
? 
hydrog27 hydrog ?    ? A OMG 14 N2    ? ? ? 1_555 A A   9  N7 ? ? A OMG 14 A A   9  9_769 ? ? ? ? ? ? 'OMG-A MISPAIR'         ? ? 
? 
hydrog28 hydrog ?    ? A DG  15 N2    ? ? ? 1_555 A A   8  N7 ? ? A DG  15 A A   8  9_769 ? ? ? ? ? ? TYPE_11_PAIR            ? ? 
? 
hydrog29 hydrog ?    ? A DG  15 N3    ? ? ? 1_555 A A   8  N6 ? ? A DG  15 A A   8  9_769 ? ? ? ? ? ? TYPE_11_PAIR            ? ? 
? 
hydrog30 hydrog ?    ? A DA  16 N3    ? ? ? 1_555 A G   4  N2 ? ? A DA  16 A G   4  9_769 ? ? ? ? ? ? 'DA-G MISPAIR'          ? ? 
? 
hydrog31 hydrog ?    ? A DA  16 N6    ? ? ? 1_555 A G   7  N3 ? ? A DA  16 A G   7  9_769 ? ? ? ? ? ? TYPE_11_PAIR            ? ? 
? 
hydrog32 hydrog ?    ? A DA  16 N7    ? ? ? 1_555 A G   7  N2 ? ? A DA  16 A G   7  9_769 ? ? ? ? ? ? TYPE_11_PAIR            ? ? 
? 
hydrog33 hydrog ?    ? A G   17 N1    ? ? ? 1_555 A C   3  N3 ? ? A G   17 A C   3  9_769 ? ? ? ? ? ? WATSON-CRICK            ? ? 
? 
hydrog34 hydrog ?    ? A G   17 N2    ? ? ? 1_555 A C   3  O2 ? ? A G   17 A C   3  9_769 ? ? ? ? ? ? WATSON-CRICK            ? ? 
? 
hydrog35 hydrog ?    ? A G   17 O6    ? ? ? 1_555 A C   3  N4 ? ? A G   17 A C   3  9_769 ? ? ? ? ? ? WATSON-CRICK            ? ? 
? 
hydrog36 hydrog ?    ? A OMC 18 N3    ? ? ? 1_555 A G   2  N2 ? ? A OMC 18 A G   2  9_769 ? ? ? ? ? ? 'REVERSED WATSON-CRICK' ? ? 
? 
hydrog37 hydrog ?    ? A OMC 18 O2    ? ? ? 1_555 A G   2  N1 ? ? A OMC 18 A G   2  9_769 ? ? ? ? ? ? 'REVERSED WATSON-CRICK' ? ? 
? 
hydrog38 hydrog ?    ? A OMC 19 N3    ? ? ? 1_555 A G   1  N1 ? ? A OMC 19 A G   1  9_769 ? ? ? ? ? ? WATSON-CRICK            ? ? 
? 
hydrog39 hydrog ?    ? A OMC 19 N4    ? ? ? 1_555 A G   1  O6 ? ? A OMC 19 A G   1  9_769 ? ? ? ? ? ? WATSON-CRICK            ? ? 
? 
hydrog40 hydrog ?    ? A OMC 19 O2    ? ? ? 1_555 A G   1  N2 ? ? A OMC 19 A G   1  9_769 ? ? ? ? ? ? WATSON-CRICK            ? ? 
? 
# 
loop_
_struct_conn_type.id 
_struct_conn_type.criteria 
_struct_conn_type.reference 
covale ? ? 
hydrog ? ? 
# 
_atom_sites.entry_id                    7EFI 
_atom_sites.Cartn_transf_matrix[1][1]   ? 
_atom_sites.Cartn_transf_matrix[1][2]   ? 
_atom_sites.Cartn_transf_matrix[1][3]   ? 
_atom_sites.Cartn_transf_matrix[2][1]   ? 
_atom_sites.Cartn_transf_matrix[2][2]   ? 
_atom_sites.Cartn_transf_matrix[2][3]   ? 
_atom_sites.Cartn_transf_matrix[3][1]   ? 
_atom_sites.Cartn_transf_matrix[3][2]   ? 
_atom_sites.Cartn_transf_matrix[3][3]   ? 
_atom_sites.Cartn_transf_vector[1]      ? 
_atom_sites.Cartn_transf_vector[2]      ? 
_atom_sites.Cartn_transf_vector[3]      ? 
_atom_sites.fract_transf_matrix[1][1]   0.00235468 
_atom_sites.fract_transf_matrix[1][2]   -0.00394776 
_atom_sites.fract_transf_matrix[1][3]   -0.01570456 
_atom_sites.fract_transf_matrix[2][1]   -0.01281995 
_atom_sites.fract_transf_matrix[2][2]   -0.00162372 
_atom_sites.fract_transf_matrix[2][3]   -0.01003957 
_atom_sites.fract_transf_matrix[3][1]   0.00126545 
_atom_sites.fract_transf_matrix[3][2]   0.02014219 
_atom_sites.fract_transf_matrix[3][3]   -0.00487354 
_atom_sites.fract_transf_vector[1]      0.989167 
_atom_sites.fract_transf_vector[2]      -0.676980 
_atom_sites.fract_transf_vector[3]      2.033103 
_atom_sites.solution_primary            ? 
_atom_sites.solution_secondary          ? 
_atom_sites.solution_hydrogens          ? 
_atom_sites.special_details             ? 
# 
loop_
_atom_type.symbol 
C 
N 
O 
P 
# 
loop_
_atom_site.group_PDB 
_atom_site.id 
_atom_site.type_symbol 
_atom_site.label_atom_id 
_atom_site.label_alt_id 
_atom_site.label_comp_id 
_atom_site.label_asym_id 
_atom_site.label_entity_id 
_atom_site.label_seq_id 
_atom_site.pdbx_PDB_ins_code 
_atom_site.Cartn_x 
_atom_site.Cartn_y 
_atom_site.Cartn_z 
_atom_site.occupancy 
_atom_site.B_iso_or_equiv 
_atom_site.pdbx_formal_charge 
_atom_site.auth_seq_id 
_atom_site.auth_comp_id 
_atom_site.auth_asym_id 
_atom_site.auth_atom_id 
_atom_site.pdbx_PDB_model_num 
ATOM   1   O "O5'" . G   A 1 1  ? 15.880  7.390   16.305  1.00 66.01 ? 1  G   A "O5'" 1 
ATOM   2   C "C5'" . G   A 1 1  ? 17.000  7.558   15.451  1.00 57.95 ? 1  G   A "C5'" 1 
ATOM   3   C "C4'" . G   A 1 1  ? 17.114  6.414   14.479  1.00 58.97 ? 1  G   A "C4'" 1 
ATOM   4   O "O4'" . G   A 1 1  ? 16.821  5.168   15.157  1.00 58.48 ? 1  G   A "O4'" 1 
ATOM   5   C "C3'" . G   A 1 1  ? 16.148  6.416   13.306  1.00 61.19 ? 1  G   A "C3'" 1 
ATOM   6   O "O3'" . G   A 1 1  ? 16.533  7.300   12.270  1.00 72.93 ? 1  G   A "O3'" 1 
ATOM   7   C "C2'" . G   A 1 1  ? 16.143  4.952   12.886  1.00 64.27 ? 1  G   A "C2'" 1 
ATOM   8   O "O2'" . G   A 1 1  ? 17.308  4.640   12.128  1.00 61.59 ? 1  G   A "O2'" 1 
ATOM   9   C "C1'" . G   A 1 1  ? 16.236  4.254   14.246  1.00 60.12 ? 1  G   A "C1'" 1 
ATOM   10  N N9    . G   A 1 1  ? 14.909  3.893   14.767  1.00 56.56 ? 1  G   A N9    1 
ATOM   11  C C8    . G   A 1 1  ? 14.392  4.378   15.943  1.00 53.37 ? 1  G   A C8    1 
ATOM   12  N N7    . G   A 1 1  ? 13.196  3.904   16.185  1.00 52.11 ? 1  G   A N7    1 
ATOM   13  C C5    . G   A 1 1  ? 12.904  3.083   15.101  1.00 43.56 ? 1  G   A C5    1 
ATOM   14  C C6    . G   A 1 1  ? 11.731  2.329   14.836  1.00 46.00 ? 1  G   A C6    1 
ATOM   15  O O6    . G   A 1 1  ? 10.698  2.220   15.518  1.00 48.97 ? 1  G   A O6    1 
ATOM   16  N N1    . G   A 1 1  ? 11.838  1.620   13.649  1.00 45.26 ? 1  G   A N1    1 
ATOM   17  C C2    . G   A 1 1  ? 12.922  1.656   12.801  1.00 51.46 ? 1  G   A C2    1 
ATOM   18  N N2    . G   A 1 1  ? 12.762  0.888   11.695  1.00 49.85 ? 1  G   A N2    1 
ATOM   19  N N3    . G   A 1 1  ? 14.043  2.374   13.033  1.00 43.10 ? 1  G   A N3    1 
ATOM   20  C C4    . G   A 1 1  ? 13.962  3.048   14.207  1.00 45.02 ? 1  G   A C4    1 
ATOM   21  P P     . G   A 1 2  ? 15.406  8.045   11.405  1.00 75.71 ? 2  G   A P     1 
ATOM   22  O OP1   . G   A 1 2  ? 16.069  9.150   10.645  1.00 64.10 ? 2  G   A OP1   1 
ATOM   23  O OP2   . G   A 1 2  ? 14.314  8.469   12.320  1.00 61.66 ? 2  G   A OP2   1 
ATOM   24  O "O5'" . G   A 1 2  ? 14.846  6.868   10.479  1.00 52.23 ? 2  G   A "O5'" 1 
ATOM   25  C "C5'" . G   A 1 2  ? 15.608  6.365   9.397   1.00 50.21 ? 2  G   A "C5'" 1 
ATOM   26  C "C4'" . G   A 1 2  ? 14.901  5.226   8.698   1.00 57.20 ? 2  G   A "C4'" 1 
ATOM   27  O "O4'" . G   A 1 2  ? 14.533  4.209   9.661   1.00 56.30 ? 2  G   A "O4'" 1 
ATOM   28  C "C3'" . G   A 1 2  ? 13.592  5.558   7.996   1.00 57.65 ? 2  G   A "C3'" 1 
ATOM   29  O "O3'" . G   A 1 2  ? 13.792  6.111   6.718   1.00 64.89 ? 2  G   A "O3'" 1 
ATOM   30  C "C2'" . G   A 1 2  ? 12.892  4.213   7.940   1.00 59.24 ? 2  G   A "C2'" 1 
ATOM   31  O "O2'" . G   A 1 2  ? 13.386  3.424   6.871   1.00 53.55 ? 2  G   A "O2'" 1 
ATOM   32  C "C1'" . G   A 1 2  ? 13.326  3.593   9.272   1.00 55.87 ? 2  G   A "C1'" 1 
ATOM   33  N N9    . G   A 1 2  ? 12.319  3.838   10.324  1.00 54.38 ? 2  G   A N9    1 
ATOM   34  C C8    . G   A 1 2  ? 12.362  4.672   11.427  1.00 48.33 ? 2  G   A C8    1 
ATOM   35  N N7    . G   A 1 2  ? 11.256  4.609   12.129  1.00 46.34 ? 2  G   A N7    1 
ATOM   36  C C5    . G   A 1 2  ? 10.436  3.711   11.439  1.00 46.00 ? 2  G   A C5    1 
ATOM   37  C C6    . G   A 1 2  ? 9.118   3.222   11.688  1.00 48.33 ? 2  G   A C6    1 
ATOM   38  O O6    . G   A 1 2  ? 8.261   3.452   12.602  1.00 53.14 ? 2  G   A O6    1 
ATOM   39  N N1    . G   A 1 2  ? 8.782   2.322   10.667  1.00 50.25 ? 2  G   A N1    1 
ATOM   40  C C2    . G   A 1 2  ? 9.501   1.916   9.586   1.00 52.39 ? 2  G   A C2    1 
ATOM   41  N N2    . G   A 1 2  ? 8.896   1.030   8.782   1.00 53.65 ? 2  G   A N2    1 
ATOM   42  N N3    . G   A 1 2  ? 10.721  2.346   9.354   1.00 50.36 ? 2  G   A N3    1 
ATOM   43  C C4    . G   A 1 2  ? 11.094  3.232   10.311  1.00 49.79 ? 2  G   A C4    1 
ATOM   44  P P     . C   A 1 3  ? 12.831  7.268   6.183   1.00 60.52 ? 3  C   A P     1 
ATOM   45  O OP1   . C   A 1 3  ? 13.196  7.365   4.758   1.00 68.24 ? 3  C   A OP1   1 
ATOM   46  O OP2   . C   A 1 3  ? 12.951  8.511   7.021   1.00 41.76 ? 3  C   A OP2   1 
ATOM   47  O "O5'" . C   A 1 3  ? 11.425  6.542   6.118   1.00 52.83 ? 3  C   A "O5'" 1 
ATOM   48  C "C5'" . C   A 1 3  ? 11.219  5.587   5.096   1.00 53.94 ? 3  C   A "C5'" 1 
ATOM   49  C "C4'" . C   A 1 3  ? 9.856   4.950   5.153   1.00 57.46 ? 3  C   A "C4'" 1 
ATOM   50  O "O4'" . C   A 1 3  ? 9.684   4.268   6.422   1.00 63.84 ? 3  C   A "O4'" 1 
ATOM   51  C "C3'" . C   A 1 3  ? 8.644   5.865   5.092   1.00 54.02 ? 3  C   A "C3'" 1 
ATOM   52  O "O3'" . C   A 1 3  ? 8.374   6.405   3.814   1.00 48.42 ? 3  C   A "O3'" 1 
ATOM   53  C "C2'" . C   A 1 3  ? 7.549   4.958   5.637   1.00 57.03 ? 3  C   A "C2'" 1 
ATOM   54  O "O2'" . C   A 1 3  ? 7.173   3.985   4.672   1.00 61.35 ? 3  C   A "O2'" 1 
ATOM   55  C "C1'" . C   A 1 3  ? 8.305   4.239   6.760   1.00 60.58 ? 3  C   A "C1'" 1 
ATOM   56  N N1    . C   A 1 3  ? 8.082   4.902   8.072   1.00 54.62 ? 3  C   A N1    1 
ATOM   57  C C2    . C   A 1 3  ? 6.891   4.605   8.766   1.00 57.67 ? 3  C   A C2    1 
ATOM   58  O O2    . C   A 1 3  ? 6.082   3.763   8.294   1.00 58.96 ? 3  C   A O2    1 
ATOM   59  N N3    . C   A 1 3  ? 6.660   5.229   9.952   1.00 49.41 ? 3  C   A N3    1 
ATOM   60  C C4    . C   A 1 3  ? 7.541   6.103   10.444  1.00 51.41 ? 3  C   A C4    1 
ATOM   61  N N4    . C   A 1 3  ? 7.262   6.675   11.618  1.00 52.80 ? 3  C   A N4    1 
ATOM   62  C C5    . C   A 1 3  ? 8.748   6.432   9.759   1.00 52.29 ? 3  C   A C5    1 
ATOM   63  C C6    . C   A 1 3  ? 8.970   5.806   8.592   1.00 54.98 ? 3  C   A C6    1 
ATOM   64  P P     . G   A 1 4  ? 7.882   7.936   3.696   1.00 69.01 ? 4  G   A P     1 
ATOM   65  O OP1   . G   A 1 4  ? 7.746   8.313   2.259   1.00 58.92 ? 4  G   A OP1   1 
ATOM   66  O OP2   . G   A 1 4  ? 8.736   8.828   4.534   1.00 56.09 ? 4  G   A OP2   1 
ATOM   67  O "O5'" . G   A 1 4  ? 6.429   7.864   4.342   1.00 55.58 ? 4  G   A "O5'" 1 
ATOM   68  C "C5'" . G   A 1 4  ? 5.452   6.988   3.808   1.00 47.33 ? 4  G   A "C5'" 1 
ATOM   69  C "C4'" . G   A 1 4  ? 4.198   6.975   4.644   1.00 54.16 ? 4  G   A "C4'" 1 
ATOM   70  O "O4'" . G   A 1 4  ? 4.445   6.306   5.913   1.00 58.19 ? 4  G   A "O4'" 1 
ATOM   71  C "C3'" . G   A 1 4  ? 3.630   8.330   5.063   1.00 51.97 ? 4  G   A "C3'" 1 
ATOM   72  O "O3'" . G   A 1 4  ? 2.934   9.018   4.042   1.00 46.92 ? 4  G   A "O3'" 1 
ATOM   73  C "C2'" . G   A 1 4  ? 2.756   7.936   6.242   1.00 53.55 ? 4  G   A "C2'" 1 
ATOM   74  O "O2'" . G   A 1 4  ? 1.588   7.252   5.798   1.00 46.07 ? 4  G   A "O2'" 1 
ATOM   75  C "C1'" . G   A 1 4  ? 3.667   6.923   6.929   1.00 55.58 ? 4  G   A "C1'" 1 
ATOM   76  N N9    . G   A 1 4  ? 4.564   7.634   7.858   1.00 55.48 ? 4  G   A N9    1 
ATOM   77  C C8    . G   A 1 4  ? 5.801   8.177   7.611   1.00 55.80 ? 4  G   A C8    1 
ATOM   78  N N7    . G   A 1 4  ? 6.315   8.786   8.647   1.00 54.87 ? 4  G   A N7    1 
ATOM   79  C C5    . G   A 1 4  ? 5.345   8.650   9.628   1.00 52.55 ? 4  G   A C5    1 
ATOM   80  C C6    . G   A 1 4  ? 5.324   9.097   10.966  1.00 49.72 ? 4  G   A C6    1 
ATOM   81  O O6    . G   A 1 4  ? 6.187   9.738   11.582  1.00 54.75 ? 4  G   A O6    1 
ATOM   82  N N1    . G   A 1 4  ? 4.138   8.743   11.590  1.00 48.03 ? 4  G   A N1    1 
ATOM   83  C C2    . G   A 1 4  ? 3.107   8.053   11.026  1.00 48.51 ? 4  G   A C2    1 
ATOM   84  N N2    . G   A 1 4  ? 2.049   7.815   11.807  1.00 51.38 ? 4  G   A N2    1 
ATOM   85  N N3    . G   A 1 4  ? 3.114   7.623   9.787   1.00 53.23 ? 4  G   A N3    1 
ATOM   86  C C4    . G   A 1 4  ? 4.253   7.960   9.152   1.00 54.95 ? 4  G   A C4    1 
ATOM   87  P P     . A   A 1 5  ? 3.278   10.553  3.729   1.00 41.53 ? 5  A   A P     1 
ATOM   88  O OP1   . A   A 1 5  ? 3.979   10.565  2.427   1.00 45.55 ? 5  A   A OP1   1 
ATOM   89  O OP2   . A   A 1 5  ? 3.899   11.200  4.904   1.00 47.84 ? 5  A   A OP2   1 
ATOM   90  O "O5'" . A   A 1 5  ? 1.846   11.226  3.543   1.00 51.26 ? 5  A   A "O5'" 1 
ATOM   91  C "C5'" . A   A 1 5  ? 0.841   11.104  4.546   1.00 47.75 ? 5  A   A "C5'" 1 
ATOM   92  C "C4'" . A   A 1 5  ? -0.377  11.930  4.215   1.00 49.00 ? 5  A   A "C4'" 1 
ATOM   93  O "O4'" . A   A 1 5  ? -1.402  11.697  5.213   1.00 48.86 ? 5  A   A "O4'" 1 
ATOM   94  C "C3'" . A   A 1 5  ? -0.154  13.434  4.213   1.00 51.24 ? 5  A   A "C3'" 1 
ATOM   95  O "O3'" . A   A 1 5  ? -1.162  14.007  3.386   1.00 49.31 ? 5  A   A "O3'" 1 
ATOM   96  C "C2'" . A   A 1 5  ? -0.460  13.792  5.657   1.00 50.31 ? 5  A   A "C2'" 1 
ATOM   97  O "O2'" . A   A 1 5  ? -0.731  15.160  5.862   1.00 48.56 ? 5  A   A "O2'" 1 
ATOM   98  C "C1'" . A   A 1 5  ? -1.674  12.905  5.902   1.00 49.37 ? 5  A   A "C1'" 1 
ATOM   99  N N9    . A   A 1 5  ? -1.943  12.532  7.286   1.00 50.70 ? 5  A   A N9    1 
ATOM   100 C C8    . A   A 1 5  ? -3.109  12.695  7.987   1.00 54.98 ? 5  A   A C8    1 
ATOM   101 N N7    . A   A 1 5  ? -3.076  12.198  9.205   1.00 57.78 ? 5  A   A N7    1 
ATOM   102 C C5    . A   A 1 5  ? -1.809  11.651  9.301   1.00 53.01 ? 5  A   A C5    1 
ATOM   103 C C6    . A   A 1 5  ? -1.156  10.974  10.343  1.00 52.77 ? 5  A   A C6    1 
ATOM   104 N N6    . A   A 1 5  ? -1.689  10.710  11.544  1.00 53.25 ? 5  A   A N6    1 
ATOM   105 N N1    . A   A 1 5  ? 0.106   10.568  10.096  1.00 56.22 ? 5  A   A N1    1 
ATOM   106 C C2    . A   A 1 5  ? 0.651   10.824  8.896   1.00 56.03 ? 5  A   A C2    1 
ATOM   107 N N3    . A   A 1 5  ? 0.137   11.454  7.838   1.00 51.25 ? 5  A   A N3    1 
ATOM   108 C C4    . A   A 1 5  ? -1.107  11.846  8.119   1.00 51.69 ? 5  A   A C4    1 
ATOM   109 P P     . A   A 1 6  ? -0.787  15.136  2.315   1.00 52.41 ? 6  A   A P     1 
ATOM   110 O OP1   . A   A 1 6  ? 0.128   16.073  3.007   1.00 49.28 ? 6  A   A OP1   1 
ATOM   111 O OP2   . A   A 1 6  ? -2.083  15.635  1.782   1.00 55.86 ? 6  A   A OP2   1 
ATOM   112 O "O5'" . A   A 1 6  ? -0.068  14.357  1.111   1.00 46.65 ? 6  A   A "O5'" 1 
ATOM   113 C "C5'" . A   A 1 6  ? -0.848  13.682  0.120   1.00 43.72 ? 6  A   A "C5'" 1 
ATOM   114 C "C4'" . A   A 1 6  ? -0.096  12.588  -0.610  1.00 44.26 ? 6  A   A "C4'" 1 
ATOM   115 O "O4'" . A   A 1 6  ? 0.763   13.169  -1.613  1.00 46.58 ? 6  A   A "O4'" 1 
ATOM   116 C "C3'" . A   A 1 6  ? 0.797   11.695  0.245   1.00 48.32 ? 6  A   A "C3'" 1 
ATOM   117 O "O3'" . A   A 1 6  ? 0.892   10.399  -0.340  1.00 40.67 ? 6  A   A "O3'" 1 
ATOM   118 C "C2'" . A   A 1 6  ? 2.154   12.367  0.121   1.00 52.40 ? 6  A   A "C2'" 1 
ATOM   119 O "O2'" . A   A 1 6  ? 3.248   11.504  0.323   1.00 48.91 ? 6  A   A "O2'" 1 
ATOM   120 C "C1'" . A   A 1 6  ? 2.123   12.892  -1.313  1.00 56.54 ? 6  A   A "C1'" 1 
ATOM   121 N N9    . A   A 1 6  ? 2.822   14.163  -1.436  1.00 68.65 ? 6  A   A N9    1 
ATOM   122 C C8    . A   A 1 6  ? 2.987   15.074  -0.412  1.00 66.72 ? 6  A   A C8    1 
ATOM   123 N N7    . A   A 1 6  ? 3.613   16.164  -0.762  1.00 63.82 ? 6  A   A N7    1 
ATOM   124 C C5    . A   A 1 6  ? 3.851   15.958  -2.121  1.00 72.81 ? 6  A   A C5    1 
ATOM   125 C C6    . A   A 1 6  ? 4.499   16.768  -3.074  1.00 74.24 ? 6  A   A C6    1 
ATOM   126 N N6    . A   A 1 6  ? 5.010   17.981  -2.765  1.00 61.62 ? 6  A   A N6    1 
ATOM   127 N N1    . A   A 1 6  ? 4.579   16.261  -4.341  1.00 75.38 ? 6  A   A N1    1 
ATOM   128 C C2    . A   A 1 6  ? 4.047   15.047  -4.608  1.00 74.58 ? 6  A   A C2    1 
ATOM   129 N N3    . A   A 1 6  ? 3.413   14.194  -3.794  1.00 69.41 ? 6  A   A N3    1 
ATOM   130 C C4    . A   A 1 6  ? 3.358   14.726  -2.558  1.00 70.49 ? 6  A   A C4    1 
ATOM   131 P P     . G   A 1 7  ? -0.403  9.472   -0.549  1.00 46.50 ? 7  G   A P     1 
ATOM   132 O OP1   . G   A 1 7  ? -0.030  8.678   -1.742  1.00 47.48 ? 7  G   A OP1   1 
ATOM   133 O OP2   . G   A 1 7  ? -1.721  10.155  -0.449  1.00 39.19 ? 7  G   A OP2   1 
ATOM   134 O "O5'" . G   A 1 7  ? -0.374  8.440   0.665   1.00 43.67 ? 7  G   A "O5'" 1 
ATOM   135 C "C5'" . G   A 1 7  ? 0.308   8.710   1.878   1.00 44.36 ? 7  G   A "C5'" 1 
ATOM   136 C "C4'" . G   A 1 7  ? -0.337  7.959   2.998   1.00 43.87 ? 7  G   A "C4'" 1 
ATOM   137 O "O4'" . G   A 1 7  ? -1.194  8.871   3.712   1.00 42.70 ? 7  G   A "O4'" 1 
ATOM   138 C "C3'" . G   A 1 7  ? -1.233  6.811   2.537   1.00 50.37 ? 7  G   A "C3'" 1 
ATOM   139 O "O3'" . G   A 1 7  ? -1.275  5.792   3.528   1.00 48.76 ? 7  G   A "O3'" 1 
ATOM   140 C "C2'" . G   A 1 7  ? -2.601  7.459   2.479   1.00 52.55 ? 7  G   A "C2'" 1 
ATOM   141 O "O2'" . G   A 1 7  ? -3.679  6.545   2.587   1.00 49.18 ? 7  G   A "O2'" 1 
ATOM   142 C "C1'" . G   A 1 7  ? -2.524  8.397   3.674   1.00 50.89 ? 7  G   A "C1'" 1 
ATOM   143 N N9    . G   A 1 7  ? -3.401  9.548   3.579   1.00 51.29 ? 7  G   A N9    1 
ATOM   144 C C8    . G   A 1 7  ? -3.664  10.316  2.474   1.00 47.54 ? 7  G   A C8    1 
ATOM   145 N N7    . G   A 1 7  ? -4.497  11.275  2.755   1.00 51.70 ? 7  G   A N7    1 
ATOM   146 C C5    . G   A 1 7  ? -4.777  11.104  4.112   1.00 52.68 ? 7  G   A C5    1 
ATOM   147 C C6    . G   A 1 7  ? -5.612  11.833  4.987   1.00 58.43 ? 7  G   A C6    1 
ATOM   148 O O6    . G   A 1 7  ? -6.304  12.826  4.717   1.00 64.57 ? 7  G   A O6    1 
ATOM   149 N N1    . G   A 1 7  ? -5.600  11.300  6.280   1.00 60.52 ? 7  G   A N1    1 
ATOM   150 C C2    . G   A 1 7  ? -4.882  10.210  6.713   1.00 53.60 ? 7  G   A C2    1 
ATOM   151 N N2    . G   A 1 7  ? -5.003  9.862   8.019   1.00 46.06 ? 7  G   A N2    1 
ATOM   152 N N3    . G   A 1 7  ? -4.102  9.537   5.885   1.00 51.07 ? 7  G   A N3    1 
ATOM   153 C C4    . G   A 1 7  ? -4.110  10.037  4.633   1.00 48.23 ? 7  G   A C4    1 
ATOM   154 P P     . A   A 1 8  ? -1.184  4.258   3.087   1.00 49.82 ? 8  A   A P     1 
ATOM   155 O OP1   . A   A 1 8  ? -0.085  4.204   2.074   1.00 48.85 ? 8  A   A OP1   1 
ATOM   156 O OP2   . A   A 1 8  ? -2.538  3.743   2.738   1.00 42.99 ? 8  A   A OP2   1 
ATOM   157 O "O5'" . A   A 1 8  ? -0.683  3.549   4.417   1.00 49.40 ? 8  A   A "O5'" 1 
ATOM   158 C "C5'" . A   A 1 8  ? 0.700   3.352   4.669   1.00 50.49 ? 8  A   A "C5'" 1 
ATOM   159 C "C4'" . A   A 1 8  ? 0.906   2.637   5.976   1.00 45.12 ? 8  A   A "C4'" 1 
ATOM   160 O "O4'" . A   A 1 8  ? 0.632   3.565   7.047   1.00 47.60 ? 8  A   A "O4'" 1 
ATOM   161 C "C3'" . A   A 1 8  ? -0.051  1.480   6.222   1.00 55.00 ? 8  A   A "C3'" 1 
ATOM   162 O "O3'" . A   A 1 8  ? 0.401   0.262   5.660   1.00 57.59 ? 8  A   A "O3'" 1 
ATOM   163 C "C2'" . A   A 1 8  ? -0.192  1.461   7.735   1.00 51.49 ? 8  A   A "C2'" 1 
ATOM   164 O "O2'" . A   A 1 8  ? 0.939   0.855   8.334   1.00 55.52 ? 8  A   A "O2'" 1 
ATOM   165 C "C1'" . A   A 1 8  ? -0.144  2.947   8.046   1.00 51.01 ? 8  A   A "C1'" 1 
ATOM   166 N N9    . A   A 1 8  ? -1.478  3.557   7.983   1.00 52.62 ? 8  A   A N9    1 
ATOM   167 C C8    . A   A 1 8  ? -1.954  4.415   7.020   1.00 50.10 ? 8  A   A C8    1 
ATOM   168 N N7    . A   A 1 8  ? -3.190  4.800   7.218   1.00 48.42 ? 8  A   A N7    1 
ATOM   169 C C5    . A   A 1 8  ? -3.527  4.148   8.394   1.00 52.96 ? 8  A   A C5    1 
ATOM   170 C C6    . A   A 1 8  ? -4.705  4.132   9.136   1.00 52.43 ? 8  A   A C6    1 
ATOM   171 N N6    . A   A 1 8  ? -5.767  4.834   8.753   1.00 57.41 ? 8  A   A N6    1 
ATOM   172 N N1    . A   A 1 8  ? -4.749  3.383   10.261  1.00 48.67 ? 8  A   A N1    1 
ATOM   173 C C2    . A   A 1 8  ? -3.657  2.689   10.604  1.00 52.67 ? 8  A   A C2    1 
ATOM   174 N N3    . A   A 1 8  ? -2.484  2.610   9.981   1.00 53.69 ? 8  A   A N3    1 
ATOM   175 C C4    . A   A 1 8  ? -2.491  3.373   8.877   1.00 54.00 ? 8  A   A C4    1 
ATOM   176 P P     . A   A 1 9  ? -0.626  -0.672  4.866   1.00 53.39 ? 9  A   A P     1 
ATOM   177 O OP1   . A   A 1 9  ? 0.132   -1.321  3.753   1.00 52.50 ? 9  A   A OP1   1 
ATOM   178 O OP2   . A   A 1 9  ? -1.830  0.124   4.543   1.00 54.47 ? 9  A   A OP2   1 
ATOM   179 O "O5'" . A   A 1 9  ? -1.116  -1.687  5.997   1.00 58.06 ? 9  A   A "O5'" 1 
ATOM   180 C "C5'" . A   A 1 9  ? -0.203  -2.170  6.971   1.00 56.15 ? 9  A   A "C5'" 1 
ATOM   181 C "C4'" . A   A 1 9  ? -0.870  -2.541  8.281   1.00 59.77 ? 9  A   A "C4'" 1 
ATOM   182 O "O4'" . A   A 1 9  ? -1.421  -1.371  8.934   1.00 59.52 ? 9  A   A "O4'" 1 
ATOM   183 C "C3'" . A   A 1 9  ? -2.047  -3.507  8.235   1.00 60.85 ? 9  A   A "C3'" 1 
ATOM   184 O "O3'" . A   A 1 9  ? -1.668  -4.859  8.037   1.00 60.60 ? 9  A   A "O3'" 1 
ATOM   185 C "C2'" . A   A 1 9  ? -2.709  -3.264  9.584   1.00 62.09 ? 9  A   A "C2'" 1 
ATOM   186 O "O2'" . A   A 1 9  ? -1.996  -3.928  10.617  1.00 68.47 ? 9  A   A "O2'" 1 
ATOM   187 C "C1'" . A   A 1 9  ? -2.510  -1.754  9.754   1.00 60.60 ? 9  A   A "C1'" 1 
ATOM   188 N N9    . A   A 1 9  ? -3.718  -1.027  9.339   1.00 60.00 ? 9  A   A N9    1 
ATOM   189 C C8    . A   A 1 9  ? -4.047  -0.609  8.075   1.00 64.76 ? 9  A   A C8    1 
ATOM   190 N N7    . A   A 1 9  ? -5.214  -0.014  7.987   1.00 64.61 ? 9  A   A N7    1 
ATOM   191 C C5    . A   A 1 9  ? -5.685  -0.065  9.293   1.00 62.66 ? 9  A   A C5    1 
ATOM   192 C C6    . A   A 1 9  ? -6.881  0.409   9.852   1.00 62.97 ? 9  A   A C6    1 
ATOM   193 N N6    . A   A 1 9  ? -7.815  1.027   9.110   1.00 62.87 ? 9  A   A N6    1 
ATOM   194 N N1    . A   A 1 9  ? -7.056  0.217   11.186  1.00 60.35 ? 9  A   A N1    1 
ATOM   195 C C2    . A   A 1 9  ? -6.086  -0.403  11.890  1.00 60.73 ? 9  A   A C2    1 
ATOM   196 N N3    . A   A 1 9  ? -4.913  -0.896  11.466  1.00 60.62 ? 9  A   A N3    1 
ATOM   197 C C4    . A   A 1 9  ? -4.780  -0.693  10.140  1.00 59.82 ? 9  A   A C4    1 
ATOM   198 P P     . C   A 1 10 ? -2.312  -5.700  6.829   1.00 58.68 ? 10 C   A P     1 
ATOM   199 O OP1   . C   A 1 10 ? -1.930  -7.116  7.020   1.00 61.85 ? 10 C   A OP1   1 
ATOM   200 O OP2   . C   A 1 10 ? -1.892  -5.073  5.538   1.00 60.14 ? 10 C   A OP2   1 
ATOM   201 O "O5'" . C   A 1 10 ? -3.885  -5.508  7.037   1.00 54.09 ? 10 C   A "O5'" 1 
ATOM   202 C "C5'" . C   A 1 10 ? -4.563  -6.155  8.096   1.00 56.11 ? 10 C   A "C5'" 1 
ATOM   203 C "C4'" . C   A 1 10 ? -5.908  -5.536  8.380   1.00 60.99 ? 10 C   A "C4'" 1 
ATOM   204 O "O4'" . C   A 1 10 ? -5.775  -4.091  8.472   1.00 66.10 ? 10 C   A "O4'" 1 
ATOM   205 C "C3'" . C   A 1 10 ? -6.986  -5.745  7.326   1.00 62.94 ? 10 C   A "C3'" 1 
ATOM   206 O "O3'" . C   A 1 10 ? -7.604  -7.024  7.388   1.00 63.59 ? 10 C   A "O3'" 1 
ATOM   207 C "C2'" . C   A 1 10 ? -7.928  -4.563  7.577   1.00 66.78 ? 10 C   A "C2'" 1 
ATOM   208 O "O2'" . C   A 1 10 ? -8.793  -4.782  8.682   1.00 60.28 ? 10 C   A "O2'" 1 
ATOM   209 C "C1'" . C   A 1 10 ? -6.927  -3.460  7.938   1.00 66.05 ? 10 C   A "C1'" 1 
ATOM   210 N N1    . C   A 1 10 ? -6.531  -2.700  6.725   1.00 67.06 ? 10 C   A N1    1 
ATOM   211 C C2    . C   A 1 10 ? -7.414  -1.741  6.211   1.00 66.22 ? 10 C   A C2    1 
ATOM   212 O O2    . C   A 1 10 ? -8.482  -1.537  6.810   1.00 71.35 ? 10 C   A O2    1 
ATOM   213 N N3    . C   A 1 10 ? -7.083  -1.061  5.089   1.00 61.26 ? 10 C   A N3    1 
ATOM   214 C C4    . C   A 1 10 ? -5.932  -1.321  4.478   1.00 58.62 ? 10 C   A C4    1 
ATOM   215 N N4    . C   A 1 10 ? -5.649  -0.634  3.382   1.00 63.82 ? 10 C   A N4    1 
ATOM   216 C C5    . C   A 1 10 ? -5.011  -2.288  4.957   1.00 61.14 ? 10 C   A C5    1 
ATOM   217 C C6    . C   A 1 10 ? -5.350  -2.952  6.069   1.00 65.92 ? 10 C   A C6    1 
ATOM   218 P P     . C   A 1 11 ? -7.848  -7.882  6.039   1.00 67.91 ? 11 C   A P     1 
ATOM   219 O OP1   . C   A 1 11 ? -8.093  -9.306  6.367   1.00 68.05 ? 11 C   A OP1   1 
ATOM   220 O OP2   . C   A 1 11 ? -6.737  -7.596  5.098   1.00 67.63 ? 11 C   A OP2   1 
ATOM   221 O "O5'" . C   A 1 11 ? -9.213  -7.282  5.456   1.00 69.74 ? 11 C   A "O5'" 1 
ATOM   222 C "C5'" . C   A 1 11 ? -10.338 -7.046  6.298   1.00 64.77 ? 11 C   A "C5'" 1 
ATOM   223 C "C4'" . C   A 1 11 ? -11.495 -6.443  5.540   1.00 61.21 ? 11 C   A "C4'" 1 
ATOM   224 O "O4'" . C   A 1 11 ? -11.378 -5.000  5.566   1.00 66.93 ? 11 C   A "O4'" 1 
ATOM   225 C "C3'" . C   A 1 11 ? -11.577 -6.774  4.053   1.00 69.36 ? 11 C   A "C3'" 1 
ATOM   226 O "O3'" . C   A 1 11 ? -12.154 -8.031  3.754   1.00 72.37 ? 11 C   A "O3'" 1 
ATOM   227 C "C2'" . C   A 1 11 ? -12.370 -5.607  3.502   1.00 67.42 ? 11 C   A "C2'" 1 
ATOM   228 O "O2'" . C   A 1 11 ? -13.743 -5.759  3.830   1.00 68.72 ? 11 C   A "O2'" 1 
ATOM   229 C "C1'" . C   A 1 11 ? -11.794 -4.458  4.323   1.00 68.45 ? 11 C   A "C1'" 1 
ATOM   230 N N1    . C   A 1 11 ? -10.622 -3.841  3.640   1.00 63.66 ? 11 C   A N1    1 
ATOM   231 C C2    . C   A 1 11 ? -10.838 -2.838  2.686   1.00 64.04 ? 11 C   A C2    1 
ATOM   232 O O2    . C   A 1 11 ? -11.989 -2.476  2.431   1.00 67.75 ? 11 C   A O2    1 
ATOM   233 N N3    . C   A 1 11 ? -9.797  -2.273  2.044   1.00 62.39 ? 11 C   A N3    1 
ATOM   234 C C4    . C   A 1 11 ? -8.558  -2.665  2.319   1.00 64.40 ? 11 C   A C4    1 
ATOM   235 N N4    . C   A 1 11 ? -7.563  -2.065  1.659   1.00 59.51 ? 11 C   A N4    1 
ATOM   236 C C5    . C   A 1 11 ? -8.294  -3.684  3.280   1.00 61.96 ? 11 C   A C5    1 
ATOM   237 C C6    . C   A 1 11 ? -9.339  -4.233  3.904   1.00 59.27 ? 11 C   A C6    1 
HETATM 238 P P     . OMG A 1 12 ? -11.651 -8.825  2.449   1.00 74.34 ? 12 OMG A P     1 
HETATM 239 O OP1   . OMG A 1 12 ? -12.217 -10.225 2.520   1.00 87.35 ? 12 OMG A OP1   1 
HETATM 240 O OP2   . OMG A 1 12 ? -10.164 -8.630  2.297   1.00 65.23 ? 12 OMG A OP2   1 
HETATM 241 O "O5'" . OMG A 1 12 ? -12.339 -8.070  1.233   1.00 62.83 ? 12 OMG A "O5'" 1 
HETATM 242 C "C5'" . OMG A 1 12 ? -13.738 -7.901  1.180   1.00 59.02 ? 12 OMG A "C5'" 1 
HETATM 243 C "C4'" . OMG A 1 12 ? -14.125 -6.988  0.047   1.00 66.13 ? 12 OMG A "C4'" 1 
HETATM 244 O "O4'" . OMG A 1 12 ? -13.717 -5.622  0.346   1.00 68.87 ? 12 OMG A "O4'" 1 
HETATM 245 C "C3'" . OMG A 1 12 ? -13.490 -7.262  -1.307  1.00 57.29 ? 12 OMG A "C3'" 1 
HETATM 246 O "O3'" . OMG A 1 12 ? -14.076 -8.349  -2.002  1.00 53.59 ? 12 OMG A "O3'" 1 
HETATM 247 C "C2'" . OMG A 1 12 ? -13.670 -5.922  -2.008  1.00 60.92 ? 12 OMG A "C2'" 1 
HETATM 248 O "O2'" . OMG A 1 12 ? -15.007 -5.759  -2.449  1.00 59.72 ? 12 OMG A "O2'" 1 
HETATM 249 C CM2   . OMG A 1 12 ? -15.157 -4.597  -3.211  1.00 60.25 ? 12 OMG A CM2   1 
HETATM 250 C "C1'" . OMG A 1 12 ? -13.413 -4.945  -0.856  1.00 59.19 ? 12 OMG A "C1'" 1 
HETATM 251 N N9    . OMG A 1 12 ? -11.996 -4.563  -0.839  1.00 62.35 ? 12 OMG A N9    1 
HETATM 252 C C8    . OMG A 1 12 ? -10.946 -4.933  0.054   1.00 63.55 ? 12 OMG A C8    1 
HETATM 253 N N7    . OMG A 1 12 ? -9.770  -4.385  -0.332  1.00 64.87 ? 12 OMG A N7    1 
HETATM 254 C C5    . OMG A 1 12 ? -10.073 -3.656  -1.503  1.00 63.21 ? 12 OMG A C5    1 
HETATM 255 C C6    . OMG A 1 12 ? -9.230  -2.875  -2.365  1.00 63.04 ? 12 OMG A C6    1 
HETATM 256 O O6    . OMG A 1 12 ? -8.030  -2.620  -2.328  1.00 61.20 ? 12 OMG A O6    1 
HETATM 257 N N1    . OMG A 1 12 ? -9.951  -2.293  -3.471  1.00 67.93 ? 12 OMG A N1    1 
HETATM 258 C C2    . OMG A 1 12 ? -11.320 -2.505  -3.664  1.00 64.66 ? 12 OMG A C2    1 
HETATM 259 N N2    . OMG A 1 12 ? -11.919 -1.909  -4.769  1.00 69.42 ? 12 OMG A N2    1 
HETATM 260 N N3    . OMG A 1 12 ? -12.125 -3.222  -2.894  1.00 64.09 ? 12 OMG A N3    1 
HETATM 261 C C4    . OMG A 1 12 ? -11.444 -3.782  -1.819  1.00 66.31 ? 12 OMG A C4    1 
HETATM 262 P P     . OMG A 1 13 ? -13.240 -9.135  -3.136  1.00 70.29 ? 13 OMG A P     1 
HETATM 263 O OP1   . OMG A 1 13 ? -13.915 -10.416 -3.585  1.00 64.56 ? 13 OMG A OP1   1 
HETATM 264 O OP2   . OMG A 1 13 ? -11.842 -9.266  -2.596  1.00 59.28 ? 13 OMG A OP2   1 
HETATM 265 O "O5'" . OMG A 1 13 ? -13.208 -8.145  -4.387  1.00 54.32 ? 13 OMG A "O5'" 1 
HETATM 266 C "C5'" . OMG A 1 13 ? -14.379 -7.601  -4.972  1.00 54.66 ? 13 OMG A "C5'" 1 
HETATM 267 C "C4'" . OMG A 1 13 ? -14.014 -6.729  -6.150  1.00 57.14 ? 13 OMG A "C4'" 1 
HETATM 268 O "O4'" . OMG A 1 13 ? -13.370 -5.520  -5.690  1.00 59.52 ? 13 OMG A "O4'" 1 
HETATM 269 C "C3'" . OMG A 1 13 ? -13.011 -7.346  -7.104  1.00 58.86 ? 13 OMG A "C3'" 1 
HETATM 270 O "O3'" . OMG A 1 13 ? -13.634 -8.153  -8.069  1.00 61.33 ? 13 OMG A "O3'" 1 
HETATM 271 C "C2'" . OMG A 1 13 ? -12.306 -6.150  -7.725  1.00 58.31 ? 13 OMG A "C2'" 1 
HETATM 272 O "O2'" . OMG A 1 13 ? -13.010 -5.693  -8.865  1.00 60.70 ? 13 OMG A "O2'" 1 
HETATM 273 C CM2   . OMG A 1 13 ? -12.404 -4.559  -9.408  1.00 66.01 ? 13 OMG A CM2   1 
HETATM 274 C "C1'" . OMG A 1 13 ? -12.381 -5.108  -6.614  1.00 62.29 ? 13 OMG A "C1'" 1 
HETATM 275 N N9    . OMG A 1 13 ? -11.102 -5.038  -5.898  1.00 62.68 ? 13 OMG A N9    1 
HETATM 276 C C8    . OMG A 1 13 ? -10.834 -5.652  -4.677  1.00 61.44 ? 13 OMG A C8    1 
HETATM 277 N N7    . OMG A 1 13 ? -9.587  -5.440  -4.283  1.00 63.16 ? 13 OMG A N7    1 
HETATM 278 C C5    . OMG A 1 13 ? -9.015  -4.674  -5.269  1.00 59.07 ? 13 OMG A C5    1 
HETATM 279 C C6    . OMG A 1 13 ? -7.684  -4.173  -5.323  1.00 61.17 ? 13 OMG A C6    1 
HETATM 280 O O6    . OMG A 1 13 ? -6.746  -4.289  -4.526  1.00 61.04 ? 13 OMG A O6    1 
HETATM 281 N N1    . OMG A 1 13 ? -7.447  -3.407  -6.519  1.00 64.57 ? 13 OMG A N1    1 
HETATM 282 C C2    . OMG A 1 13 ? -8.443  -3.202  -7.480  1.00 61.05 ? 13 OMG A C2    1 
HETATM 283 N N2    . OMG A 1 13 ? -8.084  -2.443  -8.581  1.00 58.14 ? 13 OMG A N2    1 
HETATM 284 N N3    . OMG A 1 13 ? -9.716  -3.671  -7.450  1.00 61.42 ? 13 OMG A N3    1 
HETATM 285 C C4    . OMG A 1 13 ? -9.942  -4.410  -6.301  1.00 61.62 ? 13 OMG A C4    1 
HETATM 286 P P     . OMG A 1 14 ? -12.823 -9.350  -8.742  1.00 70.53 ? 14 OMG A P     1 
HETATM 287 O OP1   . OMG A 1 14 ? -13.694 -9.910  -9.848  1.00 86.57 ? 14 OMG A OP1   1 
HETATM 288 O OP2   . OMG A 1 14 ? -12.414 -10.209 -7.575  1.00 61.03 ? 14 OMG A OP2   1 
HETATM 289 O "O5'" . OMG A 1 14 ? -11.554 -8.652  -9.423  1.00 63.69 ? 14 OMG A "O5'" 1 
HETATM 290 C "C5'" . OMG A 1 14 ? -11.603 -8.111  -10.736 1.00 57.94 ? 14 OMG A "C5'" 1 
HETATM 291 C "C4'" . OMG A 1 14 ? -10.396 -7.245  -11.019 1.00 64.18 ? 14 OMG A "C4'" 1 
HETATM 292 O "O4'" . OMG A 1 14 ? -10.019 -6.528  -9.816  1.00 67.28 ? 14 OMG A "O4'" 1 
HETATM 293 C "C3'" . OMG A 1 14 ? -9.136  -7.987  -11.427 1.00 64.94 ? 14 OMG A "C3'" 1 
HETATM 294 O "O3'" . OMG A 1 14 ? -9.103  -8.266  -12.810 1.00 64.13 ? 14 OMG A "O3'" 1 
HETATM 295 C "C2'" . OMG A 1 14 ? -8.010  -7.061  -10.978 1.00 64.82 ? 14 OMG A "C2'" 1 
HETATM 296 O "O2'" . OMG A 1 14 ? -7.776  -6.059  -11.962 1.00 68.36 ? 14 OMG A "O2'" 1 
HETATM 297 C CM2   . OMG A 1 14 ? -6.611  -6.293  -12.731 1.00 64.18 ? 14 OMG A CM2   1 
HETATM 298 C "C1'" . OMG A 1 14 ? -8.617  -6.388  -9.745  1.00 64.27 ? 14 OMG A "C1'" 1 
HETATM 299 N N9    . OMG A 1 14 ? -8.143  -6.919  -8.435  1.00 64.09 ? 14 OMG A N9    1 
HETATM 300 C C8    . OMG A 1 14 ? -8.893  -7.678  -7.495  1.00 59.97 ? 14 OMG A C8    1 
HETATM 301 N N7    . OMG A 1 14 ? -8.190  -7.958  -6.380  1.00 59.75 ? 14 OMG A N7    1 
HETATM 302 C C5    . OMG A 1 14 ? -6.942  -7.352  -6.560  1.00 58.43 ? 14 OMG A C5    1 
HETATM 303 C C6    . OMG A 1 14 ? -5.817  -7.329  -5.667  1.00 54.72 ? 14 OMG A C6    1 
HETATM 304 O O6    . OMG A 1 14 ? -5.682  -7.822  -4.548  1.00 54.68 ? 14 OMG A O6    1 
HETATM 305 N N1    . OMG A 1 14 ? -4.691  -6.594  -6.193  1.00 52.01 ? 14 OMG A N1    1 
HETATM 306 C C2    . OMG A 1 14 ? -4.742  -5.960  -7.466  1.00 63.51 ? 14 OMG A C2    1 
HETATM 307 N N2    . OMG A 1 14 ? -3.611  -5.240  -7.910  1.00 62.86 ? 14 OMG A N2    1 
HETATM 308 N N3    . OMG A 1 14 ? -5.791  -5.960  -8.324  1.00 65.37 ? 14 OMG A N3    1 
HETATM 309 C C4    . OMG A 1 14 ? -6.885  -6.689  -7.815  1.00 63.15 ? 14 OMG A C4    1 
ATOM   310 P P     . DG  A 1 15 ? -9.297  -9.779  -13.305 1.00 76.26 ? 15 DG  A P     1 
ATOM   311 O OP1   . DG  A 1 15 ? -9.984  -9.698  -14.618 1.00 85.95 ? 15 DG  A OP1   1 
ATOM   312 O OP2   . DG  A 1 15 ? -9.807  -10.567 -12.157 1.00 59.20 ? 15 DG  A OP2   1 
ATOM   313 O "O5'" . DG  A 1 15 ? -7.828  -10.308 -13.585 1.00 67.70 ? 15 DG  A "O5'" 1 
ATOM   314 C "C5'" . DG  A 1 15 ? -6.884  -9.477  -14.235 1.00 64.34 ? 15 DG  A "C5'" 1 
ATOM   315 C "C4'" . DG  A 1 15 ? -5.537  -9.671  -13.587 1.00 63.51 ? 15 DG  A "C4'" 1 
ATOM   316 O "O4'" . DG  A 1 15 ? -5.696  -9.537  -12.146 1.00 65.29 ? 15 DG  A "O4'" 1 
ATOM   317 C "C3'" . DG  A 1 15 ? -4.910  -11.057 -13.805 1.00 61.99 ? 15 DG  A "C3'" 1 
ATOM   318 O "O3'" . DG  A 1 15 ? -3.549  -10.922 -13.948 1.00 54.24 ? 15 DG  A "O3'" 1 
ATOM   319 C "C2'" . DG  A 1 15 ? -5.227  -11.790 -12.512 1.00 58.62 ? 15 DG  A "C2'" 1 
ATOM   320 C "C1'" . DG  A 1 15 ? -5.109  -10.651 -11.513 1.00 61.01 ? 15 DG  A "C1'" 1 
ATOM   321 N N9    . DG  A 1 15 ? -5.802  -10.926 -10.273 1.00 55.45 ? 15 DG  A N9    1 
ATOM   322 C C8    . DG  A 1 15 ? -7.016  -11.531 -10.140 1.00 56.31 ? 15 DG  A C8    1 
ATOM   323 N N7    . DG  A 1 15 ? -7.380  -11.682 -8.901  1.00 56.61 ? 15 DG  A N7    1 
ATOM   324 C C5    . DG  A 1 15 ? -6.337  -11.151 -8.172  1.00 53.39 ? 15 DG  A C5    1 
ATOM   325 C C6    . DG  A 1 15 ? -6.179  -11.047 -6.780  1.00 55.79 ? 15 DG  A C6    1 
ATOM   326 O O6    . DG  A 1 15 ? -6.968  -11.411 -5.893  1.00 63.49 ? 15 DG  A O6    1 
ATOM   327 N N1    . DG  A 1 15 ? -4.975  -10.453 -6.442  1.00 52.09 ? 15 DG  A N1    1 
ATOM   328 C C2    . DG  A 1 15 ? -4.049  -10.003 -7.351  1.00 58.48 ? 15 DG  A C2    1 
ATOM   329 N N2    . DG  A 1 15 ? -2.941  -9.436  -6.839  1.00 59.55 ? 15 DG  A N2    1 
ATOM   330 N N3    . DG  A 1 15 ? -4.189  -10.101 -8.670  1.00 55.07 ? 15 DG  A N3    1 
ATOM   331 C C4    . DG  A 1 15 ? -5.353  -10.684 -9.001  1.00 52.92 ? 15 DG  A C4    1 
ATOM   332 P P     . DA  A 1 16 ? -2.856  -11.296 -15.334 1.00 65.88 ? 16 DA  A P     1 
ATOM   333 O OP1   . DA  A 1 16 ? -3.632  -10.627 -16.400 1.00 67.29 ? 16 DA  A OP1   1 
ATOM   334 O OP2   . DA  A 1 16 ? -2.583  -12.759 -15.338 1.00 61.25 ? 16 DA  A OP2   1 
ATOM   335 O "O5'" . DA  A 1 16 ? -1.474  -10.542 -15.252 1.00 56.91 ? 16 DA  A "O5'" 1 
ATOM   336 C "C5'" . DA  A 1 16 ? -1.446  -9.160  -15.215 1.00 49.06 ? 16 DA  A "C5'" 1 
ATOM   337 C "C4'" . DA  A 1 16 ? -0.045  -8.690  -14.896 1.00 54.52 ? 16 DA  A "C4'" 1 
ATOM   338 O "O4'" . DA  A 1 16 ? 0.132   -8.652  -13.458 1.00 58.34 ? 16 DA  A "O4'" 1 
ATOM   339 C "C3'" . DA  A 1 16 ? 1.080   -9.575  -15.416 1.00 50.14 ? 16 DA  A "C3'" 1 
ATOM   340 O "O3'" . DA  A 1 16 ? 2.232   -8.766  -15.676 1.00 56.78 ? 16 DA  A "O3'" 1 
ATOM   341 C "C2'" . DA  A 1 16 ? 1.319   -10.523 -14.239 1.00 53.27 ? 16 DA  A "C2'" 1 
ATOM   342 C "C1'" . DA  A 1 16 ? 1.126   -9.572  -13.060 1.00 53.72 ? 16 DA  A "C1'" 1 
ATOM   343 N N9    . DA  A 1 16 ? 0.659   -10.198 -11.816 1.00 52.67 ? 16 DA  A N9    1 
ATOM   344 C C8    . DA  A 1 16 ? -0.502  -10.888 -11.627 1.00 52.72 ? 16 DA  A C8    1 
ATOM   345 N N7    . DA  A 1 16 ? -0.679  -11.308 -10.396 1.00 52.78 ? 16 DA  A N7    1 
ATOM   346 C C5    . DA  A 1 16 ? 0.438   -10.852 -9.729  1.00 52.38 ? 16 DA  A C5    1 
ATOM   347 C C6    . DA  A 1 16 ? 0.853   -10.966 -8.390  1.00 49.63 ? 16 DA  A C6    1 
ATOM   348 N N6    . DA  A 1 16 ? 0.145   -11.600 -7.454  1.00 46.88 ? 16 DA  A N6    1 
ATOM   349 N N1    . DA  A 1 16 ? 2.023   -10.392 -8.050  1.00 50.66 ? 16 DA  A N1    1 
ATOM   350 C C2    . DA  A 1 16 ? 2.728   -9.754  -8.995  1.00 50.77 ? 16 DA  A C2    1 
ATOM   351 N N3    . DA  A 1 16 ? 2.445   -9.583  -10.283 1.00 47.33 ? 16 DA  A N3    1 
ATOM   352 C C4    . DA  A 1 16 ? 1.272   -10.155 -10.586 1.00 52.14 ? 16 DA  A C4    1 
ATOM   353 P P     . G   A 1 17 ? 2.272   -7.749  -16.931 1.00 54.97 ? 17 G   A P     1 
ATOM   354 O OP1   . G   A 1 17 ? 1.207   -8.139  -17.909 1.00 51.24 ? 17 G   A OP1   1 
ATOM   355 O OP2   . G   A 1 17 ? 3.705   -7.688  -17.339 1.00 38.77 ? 17 G   A OP2   1 
ATOM   356 O "O5'" . G   A 1 17 ? 1.844   -6.342  -16.307 1.00 47.25 ? 17 G   A "O5'" 1 
ATOM   357 C "C5'" . G   A 1 17 ? 2.810   -5.455  -15.766 1.00 44.04 ? 17 G   A "C5'" 1 
ATOM   358 C "C4'" . G   A 1 17 ? 2.617   -5.246  -14.287 1.00 51.64 ? 17 G   A "C4'" 1 
ATOM   359 O "O4'" . G   A 1 17 ? 2.620   -6.527  -13.602 1.00 54.45 ? 17 G   A "O4'" 1 
ATOM   360 C "C3'" . G   A 1 17 ? 3.732   -4.463  -13.614 1.00 56.13 ? 17 G   A "C3'" 1 
ATOM   361 O "O3'" . G   A 1 17 ? 3.571   -3.069  -13.756 1.00 61.79 ? 17 G   A "O3'" 1 
ATOM   362 C "C2'" . G   A 1 17 ? 3.694   -4.963  -12.171 1.00 52.18 ? 17 G   A "C2'" 1 
ATOM   363 O "O2'" . G   A 1 17 ? 2.668   -4.339  -11.419 1.00 54.47 ? 17 G   A "O2'" 1 
ATOM   364 C "C1'" . G   A 1 17 ? 3.311   -6.423  -12.375 1.00 50.97 ? 17 G   A "C1'" 1 
ATOM   365 N N9    . G   A 1 17 ? 4.495   -7.298  -12.419 1.00 47.50 ? 17 G   A N9    1 
ATOM   366 C C8    . G   A 1 17 ? 4.982   -8.008  -13.484 1.00 41.54 ? 17 G   A C8    1 
ATOM   367 N N7    . G   A 1 17 ? 6.047   -8.693  -13.155 1.00 42.59 ? 17 G   A N7    1 
ATOM   368 C C5    . G   A 1 17 ? 6.257   -8.414  -11.807 1.00 42.89 ? 17 G   A C5    1 
ATOM   369 C C6    . G   A 1 17 ? 7.251   -8.863  -10.899 1.00 50.55 ? 17 G   A C6    1 
ATOM   370 O O6    . G   A 1 17 ? 8.202   -9.639  -11.093 1.00 55.87 ? 17 G   A O6    1 
ATOM   371 N N1    . G   A 1 17 ? 7.073   -8.323  -9.630  1.00 51.23 ? 17 G   A N1    1 
ATOM   372 C C2    . G   A 1 17 ? 6.079   -7.466  -9.262  1.00 45.78 ? 17 G   A C2    1 
ATOM   373 N N2    . G   A 1 17 ? 6.103   -7.068  -7.987  1.00 44.42 ? 17 G   A N2    1 
ATOM   374 N N3    . G   A 1 17 ? 5.153   -7.039  -10.093 1.00 46.84 ? 17 G   A N3    1 
ATOM   375 C C4    . G   A 1 17 ? 5.306   -7.550  -11.338 1.00 46.23 ? 17 G   A C4    1 
HETATM 376 N N1    . OMC A 1 18 ? 7.358   -4.172  -9.643  1.00 50.15 ? 18 OMC A N1    1 
HETATM 377 C C2    . OMC A 1 18 ? 8.354   -4.631  -8.699  1.00 51.80 ? 18 OMC A C2    1 
HETATM 378 N N3    . OMC A 1 18 ? 9.314   -5.508  -9.108  1.00 45.28 ? 18 OMC A N3    1 
HETATM 379 C C4    . OMC A 1 18 ? 9.338   -5.938  -10.376 1.00 47.45 ? 18 OMC A C4    1 
HETATM 380 C C5    . OMC A 1 18 ? 8.373   -5.543  -11.401 1.00 41.81 ? 18 OMC A C5    1 
HETATM 381 C C6    . OMC A 1 18 ? 7.381   -4.633  -10.979 1.00 48.45 ? 18 OMC A C6    1 
HETATM 382 O O2    . OMC A 1 18 ? 8.318   -4.226  -7.545  1.00 56.96 ? 18 OMC A O2    1 
HETATM 383 N N4    . OMC A 1 18 ? 10.453  -6.862  -10.593 1.00 60.49 ? 18 OMC A N4    1 
HETATM 384 C "C1'" . OMC A 1 18 ? 6.355   -3.214  -9.099  1.00 47.42 ? 18 OMC A "C1'" 1 
HETATM 385 C "C2'" . OMC A 1 18 ? 6.957   -1.814  -8.880  1.00 56.31 ? 18 OMC A "C2'" 1 
HETATM 386 O "O2'" . OMC A 1 18 ? 6.341   -1.221  -7.742  1.00 53.86 ? 18 OMC A "O2'" 1 
HETATM 387 C CM2   . OMC A 1 18 ? 7.077   -1.555  -6.605  1.00 54.14 ? 18 OMC A CM2   1 
HETATM 388 C "C3'" . OMC A 1 18 ? 6.489   -1.112  -10.147 1.00 55.78 ? 18 OMC A "C3'" 1 
HETATM 389 C "C4'" . OMC A 1 18 ? 5.094   -1.661  -10.286 1.00 51.94 ? 18 OMC A "C4'" 1 
HETATM 390 O "O4'" . OMC A 1 18 ? 5.290   -3.071  -10.022 1.00 53.38 ? 18 OMC A "O4'" 1 
HETATM 391 O "O3'" . OMC A 1 18 ? 6.528   0.298   -10.101 1.00 65.09 ? 18 OMC A "O3'" 1 
HETATM 392 C "C5'" . OMC A 1 18 ? 4.469   -1.465  -11.624 1.00 51.80 ? 18 OMC A "C5'" 1 
HETATM 393 O "O5'" . OMC A 1 18 ? 5.388   -1.795  -12.642 1.00 50.67 ? 18 OMC A "O5'" 1 
HETATM 394 P P     . OMC A 1 18 ? 4.839   -2.151  -14.086 1.00 64.53 ? 18 OMC A P     1 
HETATM 395 O OP1   . OMC A 1 18 ? 4.244   -0.913  -14.700 1.00 69.77 ? 18 OMC A OP1   1 
HETATM 396 O OP2   . OMC A 1 18 ? 5.862   -2.994  -14.853 1.00 63.32 ? 18 OMC A OP2   1 
HETATM 397 N N1    . OMC A 1 19 ? 11.689  -2.271  -8.627  1.00 49.97 ? 19 OMC A N1    1 
HETATM 398 C C2    . OMC A 1 19 ? 12.765  -3.244  -8.397  1.00 49.89 ? 19 OMC A C2    1 
HETATM 399 N N3    . OMC A 1 19 ? 13.111  -4.123  -9.413  1.00 47.60 ? 19 OMC A N3    1 
HETATM 400 C C4    . OMC A 1 19 ? 12.412  -4.037  -10.543 1.00 45.43 ? 19 OMC A C4    1 
HETATM 401 C C5    . OMC A 1 19 ? 11.335  -3.118  -10.828 1.00 41.10 ? 19 OMC A C5    1 
HETATM 402 C C6    . OMC A 1 19 ? 11.007  -2.237  -9.819  1.00 47.23 ? 19 OMC A C6    1 
HETATM 403 O O2    . OMC A 1 19 ? 13.341  -3.251  -7.324  1.00 47.62 ? 19 OMC A O2    1 
HETATM 404 N N4    . OMC A 1 19 ? 12.805  -4.942  -11.492 1.00 39.82 ? 19 OMC A N4    1 
HETATM 405 C "C1'" . OMC A 1 19 ? 11.344  -1.346  -7.536  1.00 51.92 ? 19 OMC A "C1'" 1 
HETATM 406 C "C2'" . OMC A 1 19 ? 12.305  -0.149  -7.360  1.00 54.15 ? 19 OMC A "C2'" 1 
HETATM 407 O "O2'" . OMC A 1 19 ? 12.748  -0.010  -6.020  1.00 57.98 ? 19 OMC A "O2'" 1 
HETATM 408 C CM2   . OMC A 1 19 ? 13.976  -0.720  -5.791  1.00 51.82 ? 19 OMC A CM2   1 
HETATM 409 C "C3'" . OMC A 1 19 ? 11.472  1.026   -7.878  1.00 60.75 ? 19 OMC A "C3'" 1 
HETATM 410 C "C4'" . OMC A 1 19 ? 10.071  0.594   -7.519  1.00 51.80 ? 19 OMC A "C4'" 1 
HETATM 411 O "O4'" . OMC A 1 19 ? 10.058  -0.811  -7.804  1.00 51.77 ? 19 OMC A "O4'" 1 
HETATM 412 O "O3'" . OMC A 1 19 ? 11.800  2.221   -7.174  1.00 72.38 ? 19 OMC A "O3'" 1 
HETATM 413 C "C5'" . OMC A 1 19 ? 8.988   1.238   -8.327  1.00 46.86 ? 19 OMC A "C5'" 1 
HETATM 414 O "O5'" . OMC A 1 19 ? 8.961   0.678   -9.627  1.00 48.76 ? 19 OMC A "O5'" 1 
HETATM 415 P P     . OMC A 1 19 ? 7.815   1.103   -10.639 1.00 70.16 ? 19 OMC A P     1 
HETATM 416 O OP1   . OMC A 1 19 ? 7.501   2.547   -10.364 1.00 64.54 ? 19 OMC A OP1   1 
HETATM 417 O OP2   . OMC A 1 19 ? 8.203   0.685   -12.067 1.00 64.58 ? 19 OMC A OP2   1 
# 
loop_
_pdbx_poly_seq_scheme.asym_id 
_pdbx_poly_seq_scheme.entity_id 
_pdbx_poly_seq_scheme.seq_id 
_pdbx_poly_seq_scheme.mon_id 
_pdbx_poly_seq_scheme.ndb_seq_num 
_pdbx_poly_seq_scheme.pdb_seq_num 
_pdbx_poly_seq_scheme.auth_seq_num 
_pdbx_poly_seq_scheme.pdb_mon_id 
_pdbx_poly_seq_scheme.auth_mon_id 
_pdbx_poly_seq_scheme.pdb_strand_id 
_pdbx_poly_seq_scheme.pdb_ins_code 
_pdbx_poly_seq_scheme.hetero 
A 1 1  G   1  1  1  G   G   A . n 
A 1 2  G   2  2  2  G   G   A . n 
A 1 3  C   3  3  3  C   C   A . n 
A 1 4  G   4  4  4  G   G   A . n 
A 1 5  A   5  5  5  A   A   A . n 
A 1 6  A   6  6  6  A   A   A . n 
A 1 7  G   7  7  7  G   G   A . n 
A 1 8  A   8  8  8  A   A   A . n 
A 1 9  A   9  9  9  A   A   A . n 
A 1 10 C   10 10 10 C   C   A . n 
A 1 11 C   11 11 11 C   C   A . n 
A 1 12 OMG 12 12 12 OMG OMG A . n 
A 1 13 OMG 13 13 13 OMG OMG A . n 
A 1 14 OMG 14 14 14 OMG OMG A . n 
A 1 15 DG  15 15 15 DG  DG  A . n 
A 1 16 DA  16 16 16 DA  DA  A . n 
A 1 17 G   17 17 17 G   G   A . n 
A 1 18 OMC 18 18 18 OMC OMC A . n 
A 1 19 OMC 19 19 19 OMC OMC A . n 
# 
_pdbx_struct_assembly.id                   1 
_pdbx_struct_assembly.details              author_defined_assembly 
_pdbx_struct_assembly.method_details       ? 
_pdbx_struct_assembly.oligomeric_details   dimeric 
_pdbx_struct_assembly.oligomeric_count     2 
# 
loop_
_pdbx_struct_assembly_gen.assembly_id 
_pdbx_struct_assembly_gen.oper_expression 
_pdbx_struct_assembly_gen.asym_id_list 
1 1 A 
1 2 A 
# 
loop_
_pdbx_struct_oper_list.id 
_pdbx_struct_oper_list.type 
_pdbx_struct_oper_list.name 
_pdbx_struct_oper_list.symmetry_operation 
_pdbx_struct_oper_list.matrix[1][1] 
_pdbx_struct_oper_list.matrix[1][2] 
_pdbx_struct_oper_list.matrix[1][3] 
_pdbx_struct_oper_list.vector[1] 
_pdbx_struct_oper_list.matrix[2][1] 
_pdbx_struct_oper_list.matrix[2][2] 
_pdbx_struct_oper_list.matrix[2][3] 
_pdbx_struct_oper_list.vector[2] 
_pdbx_struct_oper_list.matrix[3][1] 
_pdbx_struct_oper_list.matrix[3][2] 
_pdbx_struct_oper_list.matrix[3][3] 
_pdbx_struct_oper_list.vector[3] 
1 'identity operation'         1_555 x,y,z            1.0000000000 0.0000000000  0.0000000000 0.0000000000  0.0000000000  1.0000000000  0.0000000000  0.0000000000  0.0000000000 0.0000000000  1.0000000000  0.0000000000  
2 'crystal symmetry operation' 9_769 -x+2,-x+y+1,-z+4 0.9511453230 -0.0488200144 0.3048592803 -0.0044686532 -0.0488200144 -0.9987784642 -0.0076279477 -3.4115507901 0.3048592803 -0.0076279477 -0.9523668587 -0.5177239921 
# 
loop_
_pdbx_audit_revision_history.ordinal 
_pdbx_audit_revision_history.data_content_type 
_pdbx_audit_revision_history.major_revision 
_pdbx_audit_revision_history.minor_revision 
_pdbx_audit_revision_history.revision_date 
1 'Structure model' 1 0 2022-03-30 
2 'Structure model' 2 0 2022-05-11 
3 'Structure model' 2 1 2023-11-29 
# 
_pdbx_audit_revision_details.ordinal             1 
_pdbx_audit_revision_details.revision_ordinal    1 
_pdbx_audit_revision_details.data_content_type   'Structure model' 
_pdbx_audit_revision_details.provider            repository 
_pdbx_audit_revision_details.type                'Initial release' 
_pdbx_audit_revision_details.description         ? 
_pdbx_audit_revision_details.details             ? 
# 
loop_
_pdbx_audit_revision_group.ordinal 
_pdbx_audit_revision_group.revision_ordinal 
_pdbx_audit_revision_group.data_content_type 
_pdbx_audit_revision_group.group 
1 2 'Structure model' Advisory                 
2 2 'Structure model' 'Atomic model'           
3 2 'Structure model' 'Data collection'        
4 2 'Structure model' 'Derived calculations'   
5 2 'Structure model' 'Refinement description' 
6 2 'Structure model' 'Structure summary'      
7 3 'Structure model' 'Data collection'        
8 3 'Structure model' 'Refinement description' 
# 
loop_
_pdbx_audit_revision_category.ordinal 
_pdbx_audit_revision_category.revision_ordinal 
_pdbx_audit_revision_category.data_content_type 
_pdbx_audit_revision_category.category 
1  2 'Structure model' atom_site                       
2  2 'Structure model' entity                          
3  2 'Structure model' ndb_struct_conf_na              
4  2 'Structure model' ndb_struct_na_base_pair         
5  2 'Structure model' ndb_struct_na_base_pair_step    
6  2 'Structure model' pdbx_entity_nonpoly             
7  2 'Structure model' pdbx_nonpoly_scheme             
8  2 'Structure model' pdbx_poly_seq_scheme            
9  2 'Structure model' pdbx_struct_assembly_gen        
10 2 'Structure model' pdbx_unobs_or_zero_occ_residues 
11 2 'Structure model' refine_ls_shell                 
12 2 'Structure model' struct_asym                     
13 2 'Structure model' struct_conn                     
14 3 'Structure model' chem_comp_atom                  
15 3 'Structure model' chem_comp_bond                  
16 3 'Structure model' pdbx_initial_refinement_model   
# 
loop_
_pdbx_audit_revision_item.ordinal 
_pdbx_audit_revision_item.revision_ordinal 
_pdbx_audit_revision_item.data_content_type 
_pdbx_audit_revision_item.item 
1 2 'Structure model' '_atom_site.auth_seq_id'                 
2 2 'Structure model' '_atom_site.label_asym_id'               
3 2 'Structure model' '_atom_site.label_entity_id'             
4 2 'Structure model' '_atom_site.label_seq_id'                
5 2 'Structure model' '_ndb_struct_conf_na.feature'            
6 2 'Structure model' '_pdbx_poly_seq_scheme.auth_mon_id'      
7 2 'Structure model' '_pdbx_poly_seq_scheme.auth_seq_num'     
8 2 'Structure model' '_pdbx_poly_seq_scheme.pdb_mon_id'       
9 2 'Structure model' '_pdbx_struct_assembly_gen.asym_id_list' 
# 
loop_
_software.citation_id 
_software.classification 
_software.compiler_name 
_software.compiler_version 
_software.contact_author 
_software.contact_author_email 
_software.date 
_software.description 
_software.dependencies 
_software.hardware 
_software.language 
_software.location 
_software.mods 
_software.name 
_software.os 
_software.os_version 
_software.type 
_software.version 
_software.pdbx_ordinal 
? 'data scaling'   ? ? ? ? ? ? ? ? ? ? ? XSCALE ? ? ? .      1 
? refinement       ? ? ? ? ? ? ? ? ? ? ? PHENIX ? ? ? 1.17.1 2 
? 'data reduction' ? ? ? ? ? ? ? ? ? ? ? XDS    ? ? ? .      3 
? phasing          ? ? ? ? ? ? ? ? ? ? ? PHASER ? ? ? .      4 
# 
_pdbx_entry_details.entry_id                 7EFI 
_pdbx_entry_details.has_ligand_of_interest   Y 
_pdbx_entry_details.compound_details         ? 
_pdbx_entry_details.source_details           ? 
_pdbx_entry_details.nonpolymer_details       ? 
_pdbx_entry_details.sequence_details         ? 
# 
_pdbx_validate_rmsd_bond.id                        1 
_pdbx_validate_rmsd_bond.PDB_model_num             1 
_pdbx_validate_rmsd_bond.auth_atom_id_1            "O3'" 
_pdbx_validate_rmsd_bond.auth_asym_id_1            A 
_pdbx_validate_rmsd_bond.auth_comp_id_1            DG 
_pdbx_validate_rmsd_bond.auth_seq_id_1             15 
_pdbx_validate_rmsd_bond.PDB_ins_code_1            ? 
_pdbx_validate_rmsd_bond.label_alt_id_1            ? 
_pdbx_validate_rmsd_bond.auth_atom_id_2            "C3'" 
_pdbx_validate_rmsd_bond.auth_asym_id_2            A 
_pdbx_validate_rmsd_bond.auth_comp_id_2            DG 
_pdbx_validate_rmsd_bond.auth_seq_id_2             15 
_pdbx_validate_rmsd_bond.PDB_ins_code_2            ? 
_pdbx_validate_rmsd_bond.label_alt_id_2            ? 
_pdbx_validate_rmsd_bond.bond_value                1.375 
_pdbx_validate_rmsd_bond.bond_target_value         1.419 
_pdbx_validate_rmsd_bond.bond_deviation            -0.044 
_pdbx_validate_rmsd_bond.bond_standard_deviation   0.006 
_pdbx_validate_rmsd_bond.linker_flag               N 
# 
loop_
_pdbx_validate_rmsd_angle.id 
_pdbx_validate_rmsd_angle.PDB_model_num 
_pdbx_validate_rmsd_angle.auth_atom_id_1 
_pdbx_validate_rmsd_angle.auth_asym_id_1 
_pdbx_validate_rmsd_angle.auth_comp_id_1 
_pdbx_validate_rmsd_angle.auth_seq_id_1 
_pdbx_validate_rmsd_angle.PDB_ins_code_1 
_pdbx_validate_rmsd_angle.label_alt_id_1 
_pdbx_validate_rmsd_angle.auth_atom_id_2 
_pdbx_validate_rmsd_angle.auth_asym_id_2 
_pdbx_validate_rmsd_angle.auth_comp_id_2 
_pdbx_validate_rmsd_angle.auth_seq_id_2 
_pdbx_validate_rmsd_angle.PDB_ins_code_2 
_pdbx_validate_rmsd_angle.label_alt_id_2 
_pdbx_validate_rmsd_angle.auth_atom_id_3 
_pdbx_validate_rmsd_angle.auth_asym_id_3 
_pdbx_validate_rmsd_angle.auth_comp_id_3 
_pdbx_validate_rmsd_angle.auth_seq_id_3 
_pdbx_validate_rmsd_angle.PDB_ins_code_3 
_pdbx_validate_rmsd_angle.label_alt_id_3 
_pdbx_validate_rmsd_angle.angle_value 
_pdbx_validate_rmsd_angle.angle_target_value 
_pdbx_validate_rmsd_angle.angle_deviation 
_pdbx_validate_rmsd_angle.angle_standard_deviation 
_pdbx_validate_rmsd_angle.linker_flag 
1 1 C6    A G 2 ? ? N1 A G 2 ? ? C2  A G 2 ? ? 130.04 125.10 4.94  0.60 N 
2 1 N3    A G 2 ? ? C4 A G 2 ? ? C5  A G 2 ? ? 131.82 128.60 3.22  0.50 N 
3 1 C5    A G 2 ? ? C6 A G 2 ? ? N1  A G 2 ? ? 108.30 111.50 -3.20 0.50 N 
4 1 C5    A G 2 ? ? C6 A G 2 ? ? O6  A G 2 ? ? 133.20 128.60 4.60  0.60 N 
5 1 "O5'" A C 3 ? ? P  A C 3 ? ? OP2 A C 3 ? ? 118.18 110.70 7.48  1.20 N 
6 1 C8    A G 7 ? ? N9 A G 7 ? ? C4  A G 7 ? ? 108.89 106.40 2.49  0.40 N 
# 
loop_
_chem_comp_atom.comp_id 
_chem_comp_atom.atom_id 
_chem_comp_atom.type_symbol 
_chem_comp_atom.pdbx_aromatic_flag 
_chem_comp_atom.pdbx_stereo_config 
_chem_comp_atom.pdbx_ordinal 
A   OP3    O N N 1   
A   P      P N N 2   
A   OP1    O N N 3   
A   OP2    O N N 4   
A   "O5'"  O N N 5   
A   "C5'"  C N N 6   
A   "C4'"  C N R 7   
A   "O4'"  O N N 8   
A   "C3'"  C N S 9   
A   "O3'"  O N N 10  
A   "C2'"  C N R 11  
A   "O2'"  O N N 12  
A   "C1'"  C N R 13  
A   N9     N Y N 14  
A   C8     C Y N 15  
A   N7     N Y N 16  
A   C5     C Y N 17  
A   C6     C Y N 18  
A   N6     N N N 19  
A   N1     N Y N 20  
A   C2     C Y N 21  
A   N3     N Y N 22  
A   C4     C Y N 23  
A   HOP3   H N N 24  
A   HOP2   H N N 25  
A   "H5'"  H N N 26  
A   "H5''" H N N 27  
A   "H4'"  H N N 28  
A   "H3'"  H N N 29  
A   "HO3'" H N N 30  
A   "H2'"  H N N 31  
A   "HO2'" H N N 32  
A   "H1'"  H N N 33  
A   H8     H N N 34  
A   H61    H N N 35  
A   H62    H N N 36  
A   H2     H N N 37  
C   OP3    O N N 38  
C   P      P N N 39  
C   OP1    O N N 40  
C   OP2    O N N 41  
C   "O5'"  O N N 42  
C   "C5'"  C N N 43  
C   "C4'"  C N R 44  
C   "O4'"  O N N 45  
C   "C3'"  C N S 46  
C   "O3'"  O N N 47  
C   "C2'"  C N R 48  
C   "O2'"  O N N 49  
C   "C1'"  C N R 50  
C   N1     N N N 51  
C   C2     C N N 52  
C   O2     O N N 53  
C   N3     N N N 54  
C   C4     C N N 55  
C   N4     N N N 56  
C   C5     C N N 57  
C   C6     C N N 58  
C   HOP3   H N N 59  
C   HOP2   H N N 60  
C   "H5'"  H N N 61  
C   "H5''" H N N 62  
C   "H4'"  H N N 63  
C   "H3'"  H N N 64  
C   "HO3'" H N N 65  
C   "H2'"  H N N 66  
C   "HO2'" H N N 67  
C   "H1'"  H N N 68  
C   H41    H N N 69  
C   H42    H N N 70  
C   H5     H N N 71  
C   H6     H N N 72  
DA  OP3    O N N 73  
DA  P      P N N 74  
DA  OP1    O N N 75  
DA  OP2    O N N 76  
DA  "O5'"  O N N 77  
DA  "C5'"  C N N 78  
DA  "C4'"  C N R 79  
DA  "O4'"  O N N 80  
DA  "C3'"  C N S 81  
DA  "O3'"  O N N 82  
DA  "C2'"  C N N 83  
DA  "C1'"  C N R 84  
DA  N9     N Y N 85  
DA  C8     C Y N 86  
DA  N7     N Y N 87  
DA  C5     C Y N 88  
DA  C6     C Y N 89  
DA  N6     N N N 90  
DA  N1     N Y N 91  
DA  C2     C Y N 92  
DA  N3     N Y N 93  
DA  C4     C Y N 94  
DA  HOP3   H N N 95  
DA  HOP2   H N N 96  
DA  "H5'"  H N N 97  
DA  "H5''" H N N 98  
DA  "H4'"  H N N 99  
DA  "H3'"  H N N 100 
DA  "HO3'" H N N 101 
DA  "H2'"  H N N 102 
DA  "H2''" H N N 103 
DA  "H1'"  H N N 104 
DA  H8     H N N 105 
DA  H61    H N N 106 
DA  H62    H N N 107 
DA  H2     H N N 108 
DG  OP3    O N N 109 
DG  P      P N N 110 
DG  OP1    O N N 111 
DG  OP2    O N N 112 
DG  "O5'"  O N N 113 
DG  "C5'"  C N N 114 
DG  "C4'"  C N R 115 
DG  "O4'"  O N N 116 
DG  "C3'"  C N S 117 
DG  "O3'"  O N N 118 
DG  "C2'"  C N N 119 
DG  "C1'"  C N R 120 
DG  N9     N Y N 121 
DG  C8     C Y N 122 
DG  N7     N Y N 123 
DG  C5     C Y N 124 
DG  C6     C N N 125 
DG  O6     O N N 126 
DG  N1     N N N 127 
DG  C2     C N N 128 
DG  N2     N N N 129 
DG  N3     N N N 130 
DG  C4     C Y N 131 
DG  HOP3   H N N 132 
DG  HOP2   H N N 133 
DG  "H5'"  H N N 134 
DG  "H5''" H N N 135 
DG  "H4'"  H N N 136 
DG  "H3'"  H N N 137 
DG  "HO3'" H N N 138 
DG  "H2'"  H N N 139 
DG  "H2''" H N N 140 
DG  "H1'"  H N N 141 
DG  H8     H N N 142 
DG  H1     H N N 143 
DG  H21    H N N 144 
DG  H22    H N N 145 
G   OP3    O N N 146 
G   P      P N N 147 
G   OP1    O N N 148 
G   OP2    O N N 149 
G   "O5'"  O N N 150 
G   "C5'"  C N N 151 
G   "C4'"  C N R 152 
G   "O4'"  O N N 153 
G   "C3'"  C N S 154 
G   "O3'"  O N N 155 
G   "C2'"  C N R 156 
G   "O2'"  O N N 157 
G   "C1'"  C N R 158 
G   N9     N Y N 159 
G   C8     C Y N 160 
G   N7     N Y N 161 
G   C5     C Y N 162 
G   C6     C N N 163 
G   O6     O N N 164 
G   N1     N N N 165 
G   C2     C N N 166 
G   N2     N N N 167 
G   N3     N N N 168 
G   C4     C Y N 169 
G   HOP3   H N N 170 
G   HOP2   H N N 171 
G   "H5'"  H N N 172 
G   "H5''" H N N 173 
G   "H4'"  H N N 174 
G   "H3'"  H N N 175 
G   "HO3'" H N N 176 
G   "H2'"  H N N 177 
G   "HO2'" H N N 178 
G   "H1'"  H N N 179 
G   H8     H N N 180 
G   H1     H N N 181 
G   H21    H N N 182 
G   H22    H N N 183 
OMC N1     N N N 184 
OMC C2     C N N 185 
OMC N3     N N N 186 
OMC C4     C N N 187 
OMC C5     C N N 188 
OMC C6     C N N 189 
OMC O2     O N N 190 
OMC N4     N N N 191 
OMC "C1'"  C N R 192 
OMC "C2'"  C N R 193 
OMC "O2'"  O N N 194 
OMC CM2    C N N 195 
OMC "C3'"  C N R 196 
OMC "C4'"  C N R 197 
OMC "O4'"  O N N 198 
OMC "O3'"  O N N 199 
OMC "C5'"  C N N 200 
OMC "O5'"  O N N 201 
OMC P      P N N 202 
OMC OP1    O N N 203 
OMC OP2    O N N 204 
OMC OP3    O N N 205 
OMC H5     H N N 206 
OMC H6     H N N 207 
OMC HN41   H N N 208 
OMC HN42   H N N 209 
OMC "H1'"  H N N 210 
OMC "H2'"  H N N 211 
OMC HM21   H N N 212 
OMC HM22   H N N 213 
OMC HM23   H N N 214 
OMC "H3'"  H N N 215 
OMC "H4'"  H N N 216 
OMC "HO3'" H N N 217 
OMC "H5'"  H N N 218 
OMC "H5''" H N N 219 
OMC HOP2   H N N 220 
OMC HOP3   H N N 221 
OMG P      P N N 222 
OMG OP1    O N N 223 
OMG OP2    O N N 224 
OMG OP3    O N N 225 
OMG "O5'"  O N N 226 
OMG "C5'"  C N N 227 
OMG "C4'"  C N R 228 
OMG "O4'"  O N N 229 
OMG "C3'"  C N R 230 
OMG "O3'"  O N N 231 
OMG "C2'"  C N R 232 
OMG "O2'"  O N N 233 
OMG CM2    C N N 234 
OMG "C1'"  C N R 235 
OMG N9     N Y N 236 
OMG C8     C Y N 237 
OMG N7     N Y N 238 
OMG C5     C Y N 239 
OMG C6     C N N 240 
OMG O6     O N N 241 
OMG N1     N N N 242 
OMG C2     C N N 243 
OMG N2     N N N 244 
OMG N3     N N N 245 
OMG C4     C Y N 246 
OMG HOP2   H N N 247 
OMG HOP3   H N N 248 
OMG "H5'"  H N N 249 
OMG "H5''" H N N 250 
OMG "H4'"  H N N 251 
OMG "H3'"  H N N 252 
OMG "HO3'" H N N 253 
OMG "H2'"  H N N 254 
OMG HM21   H N N 255 
OMG HM22   H N N 256 
OMG HM23   H N N 257 
OMG "H1'"  H N N 258 
OMG H8     H N N 259 
OMG HN1    H N N 260 
OMG HN21   H N N 261 
OMG HN22   H N N 262 
# 
loop_
_chem_comp_bond.comp_id 
_chem_comp_bond.atom_id_1 
_chem_comp_bond.atom_id_2 
_chem_comp_bond.value_order 
_chem_comp_bond.pdbx_aromatic_flag 
_chem_comp_bond.pdbx_stereo_config 
_chem_comp_bond.pdbx_ordinal 
A   OP3   P      sing N N 1   
A   OP3   HOP3   sing N N 2   
A   P     OP1    doub N N 3   
A   P     OP2    sing N N 4   
A   P     "O5'"  sing N N 5   
A   OP2   HOP2   sing N N 6   
A   "O5'" "C5'"  sing N N 7   
A   "C5'" "C4'"  sing N N 8   
A   "C5'" "H5'"  sing N N 9   
A   "C5'" "H5''" sing N N 10  
A   "C4'" "O4'"  sing N N 11  
A   "C4'" "C3'"  sing N N 12  
A   "C4'" "H4'"  sing N N 13  
A   "O4'" "C1'"  sing N N 14  
A   "C3'" "O3'"  sing N N 15  
A   "C3'" "C2'"  sing N N 16  
A   "C3'" "H3'"  sing N N 17  
A   "O3'" "HO3'" sing N N 18  
A   "C2'" "O2'"  sing N N 19  
A   "C2'" "C1'"  sing N N 20  
A   "C2'" "H2'"  sing N N 21  
A   "O2'" "HO2'" sing N N 22  
A   "C1'" N9     sing N N 23  
A   "C1'" "H1'"  sing N N 24  
A   N9    C8     sing Y N 25  
A   N9    C4     sing Y N 26  
A   C8    N7     doub Y N 27  
A   C8    H8     sing N N 28  
A   N7    C5     sing Y N 29  
A   C5    C6     sing Y N 30  
A   C5    C4     doub Y N 31  
A   C6    N6     sing N N 32  
A   C6    N1     doub Y N 33  
A   N6    H61    sing N N 34  
A   N6    H62    sing N N 35  
A   N1    C2     sing Y N 36  
A   C2    N3     doub Y N 37  
A   C2    H2     sing N N 38  
A   N3    C4     sing Y N 39  
C   OP3   P      sing N N 40  
C   OP3   HOP3   sing N N 41  
C   P     OP1    doub N N 42  
C   P     OP2    sing N N 43  
C   P     "O5'"  sing N N 44  
C   OP2   HOP2   sing N N 45  
C   "O5'" "C5'"  sing N N 46  
C   "C5'" "C4'"  sing N N 47  
C   "C5'" "H5'"  sing N N 48  
C   "C5'" "H5''" sing N N 49  
C   "C4'" "O4'"  sing N N 50  
C   "C4'" "C3'"  sing N N 51  
C   "C4'" "H4'"  sing N N 52  
C   "O4'" "C1'"  sing N N 53  
C   "C3'" "O3'"  sing N N 54  
C   "C3'" "C2'"  sing N N 55  
C   "C3'" "H3'"  sing N N 56  
C   "O3'" "HO3'" sing N N 57  
C   "C2'" "O2'"  sing N N 58  
C   "C2'" "C1'"  sing N N 59  
C   "C2'" "H2'"  sing N N 60  
C   "O2'" "HO2'" sing N N 61  
C   "C1'" N1     sing N N 62  
C   "C1'" "H1'"  sing N N 63  
C   N1    C2     sing N N 64  
C   N1    C6     sing N N 65  
C   C2    O2     doub N N 66  
C   C2    N3     sing N N 67  
C   N3    C4     doub N N 68  
C   C4    N4     sing N N 69  
C   C4    C5     sing N N 70  
C   N4    H41    sing N N 71  
C   N4    H42    sing N N 72  
C   C5    C6     doub N N 73  
C   C5    H5     sing N N 74  
C   C6    H6     sing N N 75  
DA  OP3   P      sing N N 76  
DA  OP3   HOP3   sing N N 77  
DA  P     OP1    doub N N 78  
DA  P     OP2    sing N N 79  
DA  P     "O5'"  sing N N 80  
DA  OP2   HOP2   sing N N 81  
DA  "O5'" "C5'"  sing N N 82  
DA  "C5'" "C4'"  sing N N 83  
DA  "C5'" "H5'"  sing N N 84  
DA  "C5'" "H5''" sing N N 85  
DA  "C4'" "O4'"  sing N N 86  
DA  "C4'" "C3'"  sing N N 87  
DA  "C4'" "H4'"  sing N N 88  
DA  "O4'" "C1'"  sing N N 89  
DA  "C3'" "O3'"  sing N N 90  
DA  "C3'" "C2'"  sing N N 91  
DA  "C3'" "H3'"  sing N N 92  
DA  "O3'" "HO3'" sing N N 93  
DA  "C2'" "C1'"  sing N N 94  
DA  "C2'" "H2'"  sing N N 95  
DA  "C2'" "H2''" sing N N 96  
DA  "C1'" N9     sing N N 97  
DA  "C1'" "H1'"  sing N N 98  
DA  N9    C8     sing Y N 99  
DA  N9    C4     sing Y N 100 
DA  C8    N7     doub Y N 101 
DA  C8    H8     sing N N 102 
DA  N7    C5     sing Y N 103 
DA  C5    C6     sing Y N 104 
DA  C5    C4     doub Y N 105 
DA  C6    N6     sing N N 106 
DA  C6    N1     doub Y N 107 
DA  N6    H61    sing N N 108 
DA  N6    H62    sing N N 109 
DA  N1    C2     sing Y N 110 
DA  C2    N3     doub Y N 111 
DA  C2    H2     sing N N 112 
DA  N3    C4     sing Y N 113 
DG  OP3   P      sing N N 114 
DG  OP3   HOP3   sing N N 115 
DG  P     OP1    doub N N 116 
DG  P     OP2    sing N N 117 
DG  P     "O5'"  sing N N 118 
DG  OP2   HOP2   sing N N 119 
DG  "O5'" "C5'"  sing N N 120 
DG  "C5'" "C4'"  sing N N 121 
DG  "C5'" "H5'"  sing N N 122 
DG  "C5'" "H5''" sing N N 123 
DG  "C4'" "O4'"  sing N N 124 
DG  "C4'" "C3'"  sing N N 125 
DG  "C4'" "H4'"  sing N N 126 
DG  "O4'" "C1'"  sing N N 127 
DG  "C3'" "O3'"  sing N N 128 
DG  "C3'" "C2'"  sing N N 129 
DG  "C3'" "H3'"  sing N N 130 
DG  "O3'" "HO3'" sing N N 131 
DG  "C2'" "C1'"  sing N N 132 
DG  "C2'" "H2'"  sing N N 133 
DG  "C2'" "H2''" sing N N 134 
DG  "C1'" N9     sing N N 135 
DG  "C1'" "H1'"  sing N N 136 
DG  N9    C8     sing Y N 137 
DG  N9    C4     sing Y N 138 
DG  C8    N7     doub Y N 139 
DG  C8    H8     sing N N 140 
DG  N7    C5     sing Y N 141 
DG  C5    C6     sing N N 142 
DG  C5    C4     doub Y N 143 
DG  C6    O6     doub N N 144 
DG  C6    N1     sing N N 145 
DG  N1    C2     sing N N 146 
DG  N1    H1     sing N N 147 
DG  C2    N2     sing N N 148 
DG  C2    N3     doub N N 149 
DG  N2    H21    sing N N 150 
DG  N2    H22    sing N N 151 
DG  N3    C4     sing N N 152 
G   OP3   P      sing N N 153 
G   OP3   HOP3   sing N N 154 
G   P     OP1    doub N N 155 
G   P     OP2    sing N N 156 
G   P     "O5'"  sing N N 157 
G   OP2   HOP2   sing N N 158 
G   "O5'" "C5'"  sing N N 159 
G   "C5'" "C4'"  sing N N 160 
G   "C5'" "H5'"  sing N N 161 
G   "C5'" "H5''" sing N N 162 
G   "C4'" "O4'"  sing N N 163 
G   "C4'" "C3'"  sing N N 164 
G   "C4'" "H4'"  sing N N 165 
G   "O4'" "C1'"  sing N N 166 
G   "C3'" "O3'"  sing N N 167 
G   "C3'" "C2'"  sing N N 168 
G   "C3'" "H3'"  sing N N 169 
G   "O3'" "HO3'" sing N N 170 
G   "C2'" "O2'"  sing N N 171 
G   "C2'" "C1'"  sing N N 172 
G   "C2'" "H2'"  sing N N 173 
G   "O2'" "HO2'" sing N N 174 
G   "C1'" N9     sing N N 175 
G   "C1'" "H1'"  sing N N 176 
G   N9    C8     sing Y N 177 
G   N9    C4     sing Y N 178 
G   C8    N7     doub Y N 179 
G   C8    H8     sing N N 180 
G   N7    C5     sing Y N 181 
G   C5    C6     sing N N 182 
G   C5    C4     doub Y N 183 
G   C6    O6     doub N N 184 
G   C6    N1     sing N N 185 
G   N1    C2     sing N N 186 
G   N1    H1     sing N N 187 
G   C2    N2     sing N N 188 
G   C2    N3     doub N N 189 
G   N2    H21    sing N N 190 
G   N2    H22    sing N N 191 
G   N3    C4     sing N N 192 
OMC N1    C2     sing N N 193 
OMC N1    C6     sing N N 194 
OMC N1    "C1'"  sing N N 195 
OMC C2    N3     sing N N 196 
OMC C2    O2     doub N N 197 
OMC N3    C4     doub N N 198 
OMC C4    C5     sing N N 199 
OMC C4    N4     sing N N 200 
OMC C5    C6     doub N N 201 
OMC C5    H5     sing N N 202 
OMC C6    H6     sing N N 203 
OMC N4    HN41   sing N N 204 
OMC N4    HN42   sing N N 205 
OMC "C1'" "C2'"  sing N N 206 
OMC "C1'" "O4'"  sing N N 207 
OMC "C1'" "H1'"  sing N N 208 
OMC "C2'" "O2'"  sing N N 209 
OMC "C2'" "C3'"  sing N N 210 
OMC "C2'" "H2'"  sing N N 211 
OMC "O2'" CM2    sing N N 212 
OMC CM2   HM21   sing N N 213 
OMC CM2   HM22   sing N N 214 
OMC CM2   HM23   sing N N 215 
OMC "C3'" "C4'"  sing N N 216 
OMC "C3'" "O3'"  sing N N 217 
OMC "C3'" "H3'"  sing N N 218 
OMC "C4'" "O4'"  sing N N 219 
OMC "C4'" "C5'"  sing N N 220 
OMC "C4'" "H4'"  sing N N 221 
OMC "O3'" "HO3'" sing N N 222 
OMC "C5'" "O5'"  sing N N 223 
OMC "C5'" "H5'"  sing N N 224 
OMC "C5'" "H5''" sing N N 225 
OMC "O5'" P      sing N N 226 
OMC P     OP1    doub N N 227 
OMC P     OP2    sing N N 228 
OMC P     OP3    sing N N 229 
OMC OP2   HOP2   sing N N 230 
OMC OP3   HOP3   sing N N 231 
OMG P     OP1    doub N N 232 
OMG P     OP2    sing N N 233 
OMG P     OP3    sing N N 234 
OMG P     "O5'"  sing N N 235 
OMG OP2   HOP2   sing N N 236 
OMG OP3   HOP3   sing N N 237 
OMG "O5'" "C5'"  sing N N 238 
OMG "C5'" "C4'"  sing N N 239 
OMG "C5'" "H5'"  sing N N 240 
OMG "C5'" "H5''" sing N N 241 
OMG "C4'" "O4'"  sing N N 242 
OMG "C4'" "C3'"  sing N N 243 
OMG "C4'" "H4'"  sing N N 244 
OMG "O4'" "C1'"  sing N N 245 
OMG "C3'" "O3'"  sing N N 246 
OMG "C3'" "C2'"  sing N N 247 
OMG "C3'" "H3'"  sing N N 248 
OMG "O3'" "HO3'" sing N N 249 
OMG "C2'" "O2'"  sing N N 250 
OMG "C2'" "C1'"  sing N N 251 
OMG "C2'" "H2'"  sing N N 252 
OMG "O2'" CM2    sing N N 253 
OMG CM2   HM21   sing N N 254 
OMG CM2   HM22   sing N N 255 
OMG CM2   HM23   sing N N 256 
OMG "C1'" N9     sing N N 257 
OMG "C1'" "H1'"  sing N N 258 
OMG N9    C8     sing Y N 259 
OMG N9    C4     sing Y N 260 
OMG C8    N7     doub Y N 261 
OMG C8    H8     sing N N 262 
OMG N7    C5     sing Y N 263 
OMG C5    C6     sing N N 264 
OMG C5    C4     doub Y N 265 
OMG C6    O6     doub N N 266 
OMG C6    N1     sing N N 267 
OMG N1    C2     sing N N 268 
OMG N1    HN1    sing N N 269 
OMG C2    N2     sing N N 270 
OMG C2    N3     doub N N 271 
OMG N2    HN21   sing N N 272 
OMG N2    HN22   sing N N 273 
OMG N3    C4     sing N N 274 
# 
loop_
_ndb_struct_conf_na.entry_id 
_ndb_struct_conf_na.feature 
7EFI 'double helix'        
7EFI 'a-form double helix' 
7EFI 'internal loop'       
7EFI 'quadruple helix'     
# 
loop_
_ndb_struct_na_base_pair.model_number 
_ndb_struct_na_base_pair.i_label_asym_id 
_ndb_struct_na_base_pair.i_label_comp_id 
_ndb_struct_na_base_pair.i_label_seq_id 
_ndb_struct_na_base_pair.i_symmetry 
_ndb_struct_na_base_pair.j_label_asym_id 
_ndb_struct_na_base_pair.j_label_comp_id 
_ndb_struct_na_base_pair.j_label_seq_id 
_ndb_struct_na_base_pair.j_symmetry 
_ndb_struct_na_base_pair.shear 
_ndb_struct_na_base_pair.stretch 
_ndb_struct_na_base_pair.stagger 
_ndb_struct_na_base_pair.buckle 
_ndb_struct_na_base_pair.propeller 
_ndb_struct_na_base_pair.opening 
_ndb_struct_na_base_pair.pair_number 
_ndb_struct_na_base_pair.pair_name 
_ndb_struct_na_base_pair.i_auth_asym_id 
_ndb_struct_na_base_pair.i_auth_seq_id 
_ndb_struct_na_base_pair.i_PDB_ins_code 
_ndb_struct_na_base_pair.j_auth_asym_id 
_ndb_struct_na_base_pair.j_auth_seq_id 
_ndb_struct_na_base_pair.j_PDB_ins_code 
_ndb_struct_na_base_pair.hbond_type_28 
_ndb_struct_na_base_pair.hbond_type_12 
1 A G   1  1_555 A OMC 19 9_769 0.598  -0.241 -0.529 -7.860  0.526   -9.293  1  A_G1:OMC19_A  A 1  ? A 19 ? 19 1  
1 A G   2  1_555 A OMC 18 9_769 0.385  -0.651 -0.359 -3.738  -7.688  -20.797 2  A_G2:OMC18_A  A 2  ? A 18 ? 22 1  
1 A C   3  1_555 A G   17 9_769 0.404  -0.390 -0.181 -0.478  -5.801  1.026   3  A_C3:G17_A    A 3  ? A 17 ? 19 1  
1 A G   1  9_769 A OMC 19 1_555 0.598  -0.241 -0.529 -7.860  0.526   -9.293  4  A_G1:OMC19_A  A 1  ? A 19 ? 19 1  
1 A G   2  9_769 A OMC 18 1_555 0.385  -0.651 -0.359 -3.738  -7.688  -20.797 5  A_G2:OMC18_A  A 2  ? A 18 ? 22 1  
1 A C   3  9_769 A G   17 1_555 0.404  -0.390 -0.181 -0.478  -5.801  1.026   6  A_C3:G17_A    A 3  ? A 17 ? 19 1  
1 A G   7  1_555 A DA  16 9_769 6.476  -4.412 0.512  20.508  13.731  2.768   7  A_G7:DA16_A   A 7  ? A 16 ? 11 9  
1 A A   8  1_555 A DG  15 9_769 -6.523 -4.595 0.531  -22.683 11.529  -1.608  8  A_A8:DG15_A   A 8  ? A 15 ? 11 10 
1 A A   9  1_555 A OMG 14 9_769 -7.365 -4.271 0.734  16.188  -15.283 -24.457 9  A_A9:OMG14_A  A 9  ? A 14 ? ?  10 
1 A C   10 1_555 A OMG 13 9_769 -0.273 -0.008 -0.475 14.245  -9.906  6.163   10 A_C10:OMG13_A A 10 ? A 13 ? 19 1  
1 A C   11 1_555 A OMG 12 9_769 0.129  -0.031 -0.425 9.668   0.441   3.648   11 A_C11:OMG12_A A 11 ? A 12 ? 19 1  
1 A OMG 12 1_555 A C   11 9_769 -0.129 -0.031 -0.425 -9.668  0.441   3.648   12 A_OMG12:C11_A A 12 ? A 11 ? 19 1  
1 A OMG 13 1_555 A C   10 9_769 0.273  -0.008 -0.475 -14.245 -9.906  6.163   13 A_OMG13:C10_A A 13 ? A 10 ? 19 1  
1 A OMG 14 1_555 A A   9  9_769 7.365  -4.271 0.734  -16.188 -15.283 -24.457 14 A_OMG14:A9_A  A 14 ? A 9  ? ?  10 
1 A DG  15 1_555 A A   8  9_769 6.523  -4.595 0.531  22.683  11.529  -1.608  15 A_DG15:A8_A   A 15 ? A 8  ? 11 10 
1 A DA  16 1_555 A G   7  9_769 -6.476 -4.412 0.512  -20.508 13.731  2.768   16 A_DA16:G7_A   A 16 ? A 7  ? 11 9  
# 
loop_
_ndb_struct_na_base_pair_step.model_number 
_ndb_struct_na_base_pair_step.i_label_asym_id_1 
_ndb_struct_na_base_pair_step.i_label_comp_id_1 
_ndb_struct_na_base_pair_step.i_label_seq_id_1 
_ndb_struct_na_base_pair_step.i_symmetry_1 
_ndb_struct_na_base_pair_step.j_label_asym_id_1 
_ndb_struct_na_base_pair_step.j_label_comp_id_1 
_ndb_struct_na_base_pair_step.j_label_seq_id_1 
_ndb_struct_na_base_pair_step.j_symmetry_1 
_ndb_struct_na_base_pair_step.i_label_asym_id_2 
_ndb_struct_na_base_pair_step.i_label_comp_id_2 
_ndb_struct_na_base_pair_step.i_label_seq_id_2 
_ndb_struct_na_base_pair_step.i_symmetry_2 
_ndb_struct_na_base_pair_step.j_label_asym_id_2 
_ndb_struct_na_base_pair_step.j_label_comp_id_2 
_ndb_struct_na_base_pair_step.j_label_seq_id_2 
_ndb_struct_na_base_pair_step.j_symmetry_2 
_ndb_struct_na_base_pair_step.shift 
_ndb_struct_na_base_pair_step.slide 
_ndb_struct_na_base_pair_step.rise 
_ndb_struct_na_base_pair_step.tilt 
_ndb_struct_na_base_pair_step.roll 
_ndb_struct_na_base_pair_step.twist 
_ndb_struct_na_base_pair_step.x_displacement 
_ndb_struct_na_base_pair_step.y_displacement 
_ndb_struct_na_base_pair_step.helical_rise 
_ndb_struct_na_base_pair_step.inclination 
_ndb_struct_na_base_pair_step.tip 
_ndb_struct_na_base_pair_step.helical_twist 
_ndb_struct_na_base_pair_step.step_number 
_ndb_struct_na_base_pair_step.step_name 
_ndb_struct_na_base_pair_step.i_auth_asym_id_1 
_ndb_struct_na_base_pair_step.i_auth_seq_id_1 
_ndb_struct_na_base_pair_step.i_PDB_ins_code_1 
_ndb_struct_na_base_pair_step.j_auth_asym_id_1 
_ndb_struct_na_base_pair_step.j_auth_seq_id_1 
_ndb_struct_na_base_pair_step.j_PDB_ins_code_1 
_ndb_struct_na_base_pair_step.i_auth_asym_id_2 
_ndb_struct_na_base_pair_step.i_auth_seq_id_2 
_ndb_struct_na_base_pair_step.i_PDB_ins_code_2 
_ndb_struct_na_base_pair_step.j_auth_asym_id_2 
_ndb_struct_na_base_pair_step.j_auth_seq_id_2 
_ndb_struct_na_base_pair_step.j_PDB_ins_code_2 
1 A G   1  1_555 A OMC 19 9_769 A G   2  1_555 A OMC 18 9_769 -0.941 -2.170 3.264 -2.836 1.934  30.916 -4.413 1.218   3.197 3.613  
5.300   31.102  1  AA_G1G2:OMC18OMC19_AA   A 1  ? A 19 ? A 2  ? A 18 ? 
1 A G   2  1_555 A OMC 18 9_769 A C   3  1_555 A G   17 9_769 1.265  -2.272 3.298 2.806  1.090  30.838 -4.466 -1.819  3.317 2.044  
-5.261  30.981  2  AA_G2C3:G17OMC18_AA     A 2  ? A 18 ? A 3  ? A 17 ? 
1 A G   1  9_769 A OMC 19 1_555 A G   2  9_769 A OMC 18 1_555 -0.941 -2.170 3.264 -2.836 1.934  30.916 -4.413 1.218   3.197 3.613  
5.300   31.102  3  AA_G1G2:OMC18OMC19_AA   A 1  ? A 19 ? A 2  ? A 18 ? 
1 A G   2  9_769 A OMC 18 1_555 A C   3  9_769 A G   17 1_555 1.265  -2.272 3.298 2.806  1.090  30.838 -4.466 -1.819  3.317 2.044  
-5.261  30.981  4  AA_G2C3:G17OMC18_AA     A 2  ? A 18 ? A 3  ? A 17 ? 
1 A G   7  1_555 A DA  16 9_769 A A   8  1_555 A DG  15 9_769 -0.906 -1.360 4.643 -9.823 -9.308 -4.708 14.598 -13.285 0.026 48.767 
-51.469 -14.324 5  AA_G7A8:DG15DA16_AA     A 7  ? A 16 ? A 8  ? A 15 ? 
1 A A   8  1_555 A DG  15 9_769 A A   9  1_555 A OMG 14 9_769 -1.687 -0.405 3.095 -3.820 -1.426 26.884 -0.508 2.644   3.314 -3.045 
8.157   27.186  6  AA_A8A9:OMG14DG15_AA    A 8  ? A 15 ? A 9  ? A 14 ? 
1 A A   9  1_555 A OMG 14 9_769 A C   10 1_555 A OMG 13 9_769 2.183  -0.921 3.529 1.874  12.776 59.631 -1.562 -2.059  3.348 12.686 
-1.861  60.888  7  AA_A9C10:OMG13OMG14_AA  A 9  ? A 14 ? A 10 ? A 13 ? 
1 A C   10 1_555 A OMG 13 9_769 A C   11 1_555 A OMG 12 9_769 -0.167 -1.998 3.231 -1.084 15.600 36.161 -4.588 0.137   2.220 23.810 
1.654   39.294  8  AA_C10C11:OMG12OMG13_AA A 10 ? A 13 ? A 11 ? A 12 ? 
1 A C   11 1_555 A OMG 12 9_769 A OMG 12 1_555 A C   11 9_769 0.000  -2.138 3.663 0.000  16.463 23.761 -7.686 0.000   1.826 35.095 
0.000   28.840  9  AA_C11OMG12:C11OMG12_AA A 11 ? A 12 ? A 12 ? A 11 ? 
1 A OMG 12 1_555 A C   11 9_769 A OMG 13 1_555 A C   10 9_769 0.167  -1.998 3.231 1.084  15.600 36.161 -4.588 -0.137  2.220 23.810 
-1.654  39.294  10 AA_OMG12OMG13:C10C11_AA A 12 ? A 11 ? A 13 ? A 10 ? 
1 A OMG 13 1_555 A C   10 9_769 A OMG 14 1_555 A A   9  9_769 -2.183 -0.921 3.529 -1.874 12.776 59.631 -1.562 2.059   3.348 12.686 
1.861   60.888  11 AA_OMG13OMG14:A9C10_AA  A 13 ? A 10 ? A 14 ? A 9  ? 
1 A OMG 14 1_555 A A   9  9_769 A DG  15 1_555 A A   8  9_769 1.687  -0.405 3.095 3.820  -1.426 26.884 -0.508 -2.644  3.314 -3.045 
-8.157  27.186  12 AA_OMG14DG15:A8A9_AA    A 14 ? A 9  ? A 15 ? A 8  ? 
1 A DG  15 1_555 A A   8  9_769 A DA  16 1_555 A G   7  9_769 0.906  -1.360 4.643 9.823  -9.308 -4.708 14.598 13.285  0.026 48.767 
51.469  -14.324 13 AA_DG15DA16:G7A8_AA     A 15 ? A 8  ? A 16 ? A 7  ? 
# 
loop_
_pdbx_entity_instance_feature.ordinal 
_pdbx_entity_instance_feature.comp_id 
_pdbx_entity_instance_feature.asym_id 
_pdbx_entity_instance_feature.seq_num 
_pdbx_entity_instance_feature.auth_comp_id 
_pdbx_entity_instance_feature.auth_asym_id 
_pdbx_entity_instance_feature.auth_seq_num 
_pdbx_entity_instance_feature.feature_type 
_pdbx_entity_instance_feature.details 
1 OMC ? ? OMC ? ? 'SUBJECT OF INVESTIGATION' ? 
2 OMG ? ? OMG ? ? 'SUBJECT OF INVESTIGATION' ? 
# 
_pdbx_initial_refinement_model.id               1 
_pdbx_initial_refinement_model.entity_id_list   ? 
_pdbx_initial_refinement_model.type             'experimental model' 
_pdbx_initial_refinement_model.source_name      PDB 
_pdbx_initial_refinement_model.accession_code   4CS1 
_pdbx_initial_refinement_model.details          ? 
# 
_pdbx_struct_assembly_auth_evidence.id                     1 
_pdbx_struct_assembly_auth_evidence.assembly_id            1 
_pdbx_struct_assembly_auth_evidence.experimental_support   none 
_pdbx_struct_assembly_auth_evidence.details                ? 
# 
